data_2O8J
#
_entry.id   2O8J
#
_cell.length_a   56.586
_cell.length_b   70.965
_cell.length_c   83.046
_cell.angle_alpha   81.11
_cell.angle_beta   75.13
_cell.angle_gamma   88.39
#
_symmetry.space_group_name_H-M   'P 1'
#
loop_
_entity.id
_entity.type
_entity.pdbx_description
1 polymer 'Histone-lysine N-methyltransferase, H3 lysine-9 specific 3'
2 non-polymer 'ZINC ION'
3 non-polymer S-ADENOSYL-L-HOMOCYSTEINE
4 water water
#
_entity_poly.entity_id   1
_entity_poly.type   'polypeptide(L)'
_entity_poly.pdbx_seq_one_letter_code
;NRAIRTEKIICRDVARGYENVPIPCVNGVDGEPCPEDYKYISENCETSTMNIDRNITHLQHCTCVDDCSSSNCLCGQLSI
RCWYDKDGRLLQEFNKIEPPLIFECNQACSCWRNCKNRVVQSGIKVRLQLYRTAKMGWGVRALQTIPQGTFICEYVGELI
SDAEADVREDDSYLFDLDNKDGEVYCIDARYYGNISRFINHLCDPNIIPVRVFMLHQDLRFPRIAFFSSRDIRTGEELGF
DYGDRFWDIKSKYFTCQCGSEKCKHSAEAIALEQSRLARLD
;
_entity_poly.pdbx_strand_id   A,B,C,D
#
loop_
_chem_comp.id
_chem_comp.type
_chem_comp.name
_chem_comp.formula
ZN non-polymer 'ZINC ION' 'Zn 2'
#
# COMPACT_ATOMS: atom_id res chain seq x y z
N LYS A 8 -37.74 -18.66 2.15
CA LYS A 8 -36.58 -19.10 2.98
C LYS A 8 -35.33 -18.35 2.54
N ILE A 9 -34.56 -17.88 3.50
CA ILE A 9 -33.27 -17.24 3.18
C ILE A 9 -32.20 -18.33 2.99
N ILE A 10 -31.75 -18.51 1.76
CA ILE A 10 -30.81 -19.60 1.42
C ILE A 10 -30.12 -19.38 0.09
N CYS A 11 -28.84 -19.74 0.02
CA CYS A 11 -28.09 -19.81 -1.24
C CYS A 11 -27.43 -21.20 -1.31
N ARG A 12 -27.56 -21.90 -2.43
CA ARG A 12 -26.95 -23.23 -2.63
C ARG A 12 -25.39 -23.22 -2.54
N ASP A 13 -24.80 -22.14 -3.05
CA ASP A 13 -23.33 -22.02 -3.16
C ASP A 13 -22.93 -20.57 -3.33
N VAL A 14 -22.46 -19.97 -2.24
CA VAL A 14 -22.03 -18.57 -2.30
C VAL A 14 -20.78 -18.42 -3.18
N ALA A 15 -20.04 -19.51 -3.35
CA ALA A 15 -18.83 -19.54 -4.20
C ALA A 15 -19.12 -19.71 -5.69
N ARG A 16 -20.39 -19.88 -6.06
CA ARG A 16 -20.77 -19.99 -7.48
C ARG A 16 -19.91 -21.01 -8.26
N GLY A 17 -19.62 -22.15 -7.65
CA GLY A 17 -18.88 -23.24 -8.31
C GLY A 17 -17.38 -23.12 -8.42
N TYR A 18 -16.82 -22.05 -7.82
CA TYR A 18 -15.39 -21.80 -7.87
C TYR A 18 -14.56 -22.69 -6.95
N GLU A 19 -15.18 -23.27 -5.92
CA GLU A 19 -14.45 -24.17 -4.99
C GLU A 19 -14.72 -25.63 -5.36
N ASN A 20 -13.99 -26.57 -4.73
CA ASN A 20 -14.15 -28.00 -5.06
C ASN A 20 -15.52 -28.52 -4.64
N VAL A 21 -16.09 -27.85 -3.63
CA VAL A 21 -17.39 -28.20 -3.08
C VAL A 21 -18.22 -26.92 -2.97
N PRO A 22 -19.55 -27.04 -2.93
CA PRO A 22 -20.40 -25.86 -2.64
C PRO A 22 -20.22 -25.33 -1.23
N ILE A 23 -20.52 -24.04 -1.05
CA ILE A 23 -20.58 -23.44 0.29
C ILE A 23 -21.95 -22.75 0.43
N PRO A 24 -22.95 -23.49 0.94
CA PRO A 24 -24.27 -22.92 1.14
C PRO A 24 -24.32 -21.85 2.22
N CYS A 25 -25.35 -21.01 2.12
CA CYS A 25 -25.69 -20.02 3.13
C CYS A 25 -27.13 -20.24 3.58
N VAL A 26 -27.35 -20.11 4.88
CA VAL A 26 -28.70 -20.14 5.48
C VAL A 26 -28.81 -19.08 6.58
N ASN A 27 -30.03 -18.67 6.88
CA ASN A 27 -30.25 -17.81 8.03
C ASN A 27 -31.47 -18.34 8.81
N GLY A 28 -31.23 -18.95 9.96
CA GLY A 28 -32.33 -19.48 10.80
C GLY A 28 -32.59 -18.60 12.01
N VAL A 29 -32.09 -17.35 11.96
CA VAL A 29 -32.03 -16.51 13.15
C VAL A 29 -32.79 -15.19 13.01
N ASP A 30 -32.62 -14.53 11.87
CA ASP A 30 -33.24 -13.22 11.66
C ASP A 30 -33.59 -12.96 10.20
N GLY A 31 -33.93 -11.71 9.87
CA GLY A 31 -34.38 -11.38 8.51
C GLY A 31 -33.37 -10.93 7.49
N GLU A 32 -32.08 -10.95 7.86
CA GLU A 32 -31.02 -10.51 6.92
C GLU A 32 -30.83 -11.51 5.77
N PRO A 33 -30.98 -11.05 4.51
CA PRO A 33 -30.69 -11.90 3.35
C PRO A 33 -29.22 -12.32 3.34
N CYS A 34 -28.92 -13.38 2.59
CA CYS A 34 -27.52 -13.81 2.36
C CYS A 34 -26.68 -12.60 1.92
N PRO A 35 -25.48 -12.45 2.49
CA PRO A 35 -24.71 -11.21 2.26
C PRO A 35 -24.41 -10.95 0.78
N GLU A 36 -24.66 -9.70 0.36
CA GLU A 36 -24.41 -9.29 -1.02
C GLU A 36 -23.49 -8.09 -1.15
N ASP A 37 -22.96 -7.61 -0.03
CA ASP A 37 -22.18 -6.37 -0.01
C ASP A 37 -20.68 -6.65 -0.12
N TYR A 38 -20.36 -7.65 -0.93
CA TYR A 38 -18.97 -8.02 -1.27
C TYR A 38 -19.04 -8.86 -2.52
N LYS A 39 -17.87 -9.19 -3.09
CA LYS A 39 -17.79 -10.08 -4.23
C LYS A 39 -17.01 -11.33 -3.83
N TYR A 40 -17.66 -12.49 -3.92
CA TYR A 40 -16.97 -13.75 -3.60
C TYR A 40 -15.92 -14.05 -4.66
N ILE A 41 -14.68 -14.18 -4.20
CA ILE A 41 -13.55 -14.64 -5.01
C ILE A 41 -12.86 -15.82 -4.31
N SER A 42 -12.40 -16.79 -5.09
CA SER A 42 -11.77 -18.00 -4.53
C SER A 42 -10.24 -17.87 -4.39
N GLU A 43 -9.67 -16.91 -5.12
CA GLU A 43 -8.23 -16.64 -5.02
C GLU A 43 -7.97 -15.14 -4.78
N ASN A 44 -6.84 -14.84 -4.16
CA ASN A 44 -6.50 -13.46 -3.85
C ASN A 44 -6.53 -12.56 -5.07
N CYS A 45 -6.94 -11.31 -4.89
CA CYS A 45 -6.94 -10.35 -5.97
C CYS A 45 -6.04 -9.16 -5.63
N GLU A 46 -5.82 -8.33 -6.64
CA GLU A 46 -5.25 -7.00 -6.47
C GLU A 46 -6.20 -6.01 -7.15
N THR A 47 -6.24 -4.80 -6.61
CA THR A 47 -6.73 -3.65 -7.37
C THR A 47 -5.41 -3.00 -7.84
N SER A 48 -4.86 -2.05 -7.06
CA SER A 48 -3.53 -1.52 -7.41
C SER A 48 -2.48 -2.63 -7.31
N THR A 49 -1.47 -2.62 -8.18
CA THR A 49 -0.51 -3.73 -8.18
C THR A 49 0.43 -3.75 -6.98
N MET A 50 0.66 -4.94 -6.42
CA MET A 50 1.60 -5.12 -5.30
C MET A 50 3.04 -5.37 -5.76
N ASN A 51 3.23 -5.46 -7.06
CA ASN A 51 4.54 -5.77 -7.64
C ASN A 51 5.13 -7.06 -7.03
N ILE A 52 4.32 -8.12 -7.01
CA ILE A 52 4.76 -9.41 -6.49
C ILE A 52 5.94 -9.95 -7.31
N ASP A 53 6.95 -10.46 -6.61
CA ASP A 53 8.08 -11.11 -7.27
C ASP A 53 7.64 -12.49 -7.79
N ARG A 54 7.16 -12.53 -9.03
CA ARG A 54 6.67 -13.78 -9.66
C ARG A 54 7.77 -14.53 -10.45
N ASN A 55 8.97 -13.95 -10.47
CA ASN A 55 10.13 -14.51 -11.21
C ASN A 55 10.30 -16.00 -10.94
N ILE A 56 10.09 -16.83 -11.96
CA ILE A 56 10.15 -18.29 -11.79
C ILE A 56 11.52 -18.76 -11.26
N THR A 57 12.58 -18.03 -11.62
CA THR A 57 13.97 -18.35 -11.20
C THR A 57 14.27 -18.01 -9.74
N HIS A 58 13.38 -17.25 -9.10
CA HIS A 58 13.50 -16.96 -7.67
C HIS A 58 12.78 -17.99 -6.80
N LEU A 59 12.17 -19.00 -7.42
CA LEU A 59 11.60 -20.11 -6.64
C LEU A 59 12.66 -21.11 -6.25
N GLN A 60 12.77 -21.37 -4.95
CA GLN A 60 13.52 -22.52 -4.50
C GLN A 60 12.61 -23.71 -4.75
N HIS A 61 13.19 -24.82 -5.13
CA HIS A 61 12.38 -25.97 -5.58
C HIS A 61 13.14 -27.29 -5.38
N CYS A 62 12.41 -28.39 -5.38
CA CYS A 62 13.03 -29.68 -5.09
C CYS A 62 13.33 -30.46 -6.39
N THR A 63 14.13 -31.52 -6.26
CA THR A 63 14.55 -32.30 -7.40
C THR A 63 13.96 -33.71 -7.32
N CYS A 64 12.96 -33.87 -6.46
CA CYS A 64 12.33 -35.20 -6.22
C CYS A 64 11.62 -35.68 -7.46
N VAL A 65 11.71 -36.99 -7.69
CA VAL A 65 10.96 -37.63 -8.74
C VAL A 65 10.06 -38.73 -8.13
N ASP A 66 10.04 -38.80 -6.80
CA ASP A 66 9.04 -39.59 -6.05
C ASP A 66 7.85 -38.67 -5.73
N ASP A 67 7.08 -38.95 -4.68
CA ASP A 67 5.90 -38.14 -4.33
C ASP A 67 6.18 -37.10 -3.22
N CYS A 68 7.47 -36.79 -3.02
CA CYS A 68 7.88 -35.79 -2.02
C CYS A 68 7.52 -36.22 -0.59
N SER A 69 7.53 -37.53 -0.34
CA SER A 69 7.33 -38.03 1.02
C SER A 69 8.64 -38.24 1.79
N SER A 70 9.79 -38.02 1.14
CA SER A 70 11.07 -38.26 1.80
C SER A 70 11.61 -37.02 2.53
N SER A 71 12.52 -37.23 3.46
CA SER A 71 13.05 -36.12 4.23
C SER A 71 14.08 -35.31 3.45
N ASN A 72 14.45 -35.78 2.25
CA ASN A 72 15.38 -35.06 1.37
C ASN A 72 14.70 -34.06 0.44
N CYS A 73 13.36 -34.02 0.45
CA CYS A 73 12.67 -33.01 -0.36
C CYS A 73 13.11 -31.60 0.07
N LEU A 74 13.67 -30.81 -0.84
CA LEU A 74 14.15 -29.47 -0.51
C LEU A 74 13.02 -28.61 0.05
N CYS A 75 11.83 -28.72 -0.56
CA CYS A 75 10.68 -27.89 -0.14
C CYS A 75 10.24 -28.21 1.28
N GLY A 76 10.23 -29.50 1.61
CA GLY A 76 10.04 -29.95 2.98
C GLY A 76 11.11 -29.39 3.93
N GLN A 77 12.37 -29.36 3.48
CA GLN A 77 13.47 -28.80 4.31
C GLN A 77 13.32 -27.29 4.51
N LEU A 78 12.77 -26.59 3.51
CA LEU A 78 12.53 -25.14 3.62
C LEU A 78 11.50 -24.85 4.68
N SER A 79 10.56 -25.79 4.82
CA SER A 79 9.50 -25.74 5.83
C SER A 79 9.98 -26.24 7.18
N ILE A 80 11.28 -26.52 7.30
CA ILE A 80 11.90 -27.35 8.40
C ILE A 80 11.78 -28.86 8.12
N ARG A 81 10.54 -29.32 7.99
CA ARG A 81 10.23 -30.65 7.47
C ARG A 81 8.88 -30.50 6.80
N CYS A 82 8.50 -31.44 5.94
CA CYS A 82 7.14 -31.45 5.46
C CYS A 82 6.28 -31.77 6.68
N TRP A 83 5.25 -30.95 6.88
CA TRP A 83 4.39 -31.15 8.03
C TRP A 83 3.13 -31.91 7.67
N TYR A 84 3.04 -32.37 6.43
CA TYR A 84 1.84 -33.08 6.04
C TYR A 84 2.00 -34.60 6.17
N ASP A 85 1.05 -35.24 6.84
CA ASP A 85 1.03 -36.72 6.84
C ASP A 85 0.53 -37.22 5.46
N LYS A 86 0.35 -38.54 5.32
CA LYS A 86 -0.03 -39.13 4.03
C LYS A 86 -1.42 -38.72 3.54
N ASP A 87 -2.26 -38.28 4.47
CA ASP A 87 -3.63 -37.87 4.14
C ASP A 87 -3.78 -36.36 3.96
N GLY A 88 -2.66 -35.64 3.97
CA GLY A 88 -2.70 -34.18 3.83
C GLY A 88 -2.99 -33.40 5.10
N ARG A 89 -2.89 -34.05 6.26
CA ARG A 89 -3.11 -33.39 7.53
C ARG A 89 -1.81 -33.04 8.22
N LEU A 90 -1.81 -31.92 8.93
CA LEU A 90 -0.67 -31.53 9.75
C LEU A 90 -0.36 -32.63 10.78
N LEU A 91 0.93 -32.88 10.97
CA LEU A 91 1.42 -33.83 11.97
C LEU A 91 1.06 -33.35 13.37
N GLN A 92 0.80 -34.29 14.28
CA GLN A 92 0.49 -33.96 15.69
C GLN A 92 1.52 -33.04 16.35
N GLU A 93 2.79 -33.17 15.94
CA GLU A 93 3.92 -32.38 16.50
C GLU A 93 3.99 -30.93 16.02
N PHE A 94 3.18 -30.59 15.00
CA PHE A 94 3.16 -29.24 14.44
C PHE A 94 2.98 -28.20 15.54
N ASN A 95 3.84 -27.18 15.53
CA ASN A 95 3.74 -26.09 16.49
C ASN A 95 2.53 -25.19 16.19
N LYS A 96 1.44 -25.39 16.94
CA LYS A 96 0.19 -24.68 16.73
C LYS A 96 0.15 -23.29 17.38
N ILE A 97 1.13 -22.99 18.21
CA ILE A 97 1.27 -21.67 18.83
C ILE A 97 2.10 -20.76 17.94
N GLU A 98 3.22 -21.28 17.45
CA GLU A 98 4.10 -20.54 16.54
C GLU A 98 4.36 -21.41 15.32
N PRO A 99 3.41 -21.41 14.36
CA PRO A 99 3.58 -22.24 13.18
C PRO A 99 4.81 -21.84 12.36
N PRO A 100 5.52 -22.84 11.78
CA PRO A 100 6.57 -22.51 10.81
C PRO A 100 5.93 -22.01 9.49
N LEU A 101 6.75 -21.38 8.64
CA LEU A 101 6.33 -21.05 7.28
C LEU A 101 6.32 -22.35 6.47
N ILE A 102 5.24 -22.59 5.72
CA ILE A 102 5.14 -23.79 4.86
C ILE A 102 5.45 -23.42 3.41
N PHE A 103 6.40 -24.16 2.81
CA PHE A 103 6.72 -23.99 1.42
C PHE A 103 6.24 -25.22 0.68
N GLU A 104 5.15 -25.07 -0.07
CA GLU A 104 4.60 -26.15 -0.89
C GLU A 104 5.41 -26.33 -2.17
N CYS A 105 5.32 -27.51 -2.77
CA CYS A 105 5.92 -27.66 -4.10
C CYS A 105 5.25 -26.73 -5.12
N ASN A 106 5.99 -26.41 -6.18
CA ASN A 106 5.61 -25.39 -7.12
C ASN A 106 5.98 -25.82 -8.57
N GLN A 107 5.73 -24.91 -9.50
CA GLN A 107 5.95 -25.13 -10.93
C GLN A 107 7.43 -25.30 -11.34
N ALA A 108 8.36 -24.96 -10.44
CA ALA A 108 9.78 -25.17 -10.69
C ALA A 108 10.29 -26.53 -10.23
N CYS A 109 9.56 -27.18 -9.31
CA CYS A 109 9.94 -28.50 -8.81
C CYS A 109 9.87 -29.59 -9.88
N SER A 110 10.75 -30.58 -9.69
CA SER A 110 10.82 -31.78 -10.53
C SER A 110 9.64 -32.74 -10.37
N CYS A 111 8.96 -32.67 -9.24
CA CYS A 111 7.89 -33.62 -8.92
C CYS A 111 6.60 -33.38 -9.72
N TRP A 112 5.67 -34.33 -9.58
CA TRP A 112 4.37 -34.19 -10.24
C TRP A 112 3.41 -33.29 -9.42
N ARG A 113 2.41 -32.75 -10.10
CA ARG A 113 1.40 -31.92 -9.48
C ARG A 113 0.62 -32.65 -8.36
N ASN A 114 0.65 -33.98 -8.36
CA ASN A 114 -0.01 -34.76 -7.31
C ASN A 114 0.87 -35.23 -6.15
N CYS A 115 2.04 -34.58 -5.98
CA CYS A 115 2.91 -34.97 -4.90
C CYS A 115 2.26 -34.64 -3.51
N LYS A 116 2.88 -35.11 -2.43
CA LYS A 116 2.34 -34.98 -1.06
C LYS A 116 2.55 -33.62 -0.40
N ASN A 117 3.23 -32.70 -1.09
CA ASN A 117 3.50 -31.36 -0.53
C ASN A 117 2.68 -30.28 -1.26
N ARG A 118 1.38 -30.52 -1.43
CA ARG A 118 0.53 -29.56 -2.16
C ARG A 118 -0.91 -29.45 -1.62
N VAL A 119 -1.05 -29.54 -0.31
CA VAL A 119 -2.37 -29.57 0.34
C VAL A 119 -3.13 -28.25 0.10
N VAL A 120 -2.53 -27.13 0.49
CA VAL A 120 -3.25 -25.86 0.38
C VAL A 120 -3.60 -25.56 -1.07
N GLN A 121 -2.67 -25.84 -2.00
CA GLN A 121 -2.92 -25.44 -3.38
C GLN A 121 -4.02 -26.31 -4.06
N SER A 122 -4.41 -27.41 -3.42
CA SER A 122 -5.46 -28.33 -3.91
C SER A 122 -6.89 -27.94 -3.49
N GLY A 123 -6.98 -26.96 -2.58
CA GLY A 123 -8.24 -26.23 -2.32
C GLY A 123 -9.13 -26.83 -1.23
N ILE A 124 -10.33 -26.30 -1.13
CA ILE A 124 -11.24 -26.66 -0.05
C ILE A 124 -11.77 -28.07 -0.27
N LYS A 125 -11.72 -28.92 0.75
CA LYS A 125 -12.28 -30.27 0.64
C LYS A 125 -13.44 -30.58 1.60
N VAL A 126 -13.55 -29.81 2.68
CA VAL A 126 -14.54 -30.07 3.75
C VAL A 126 -15.84 -29.30 3.43
N ARG A 127 -16.95 -29.77 4.00
CA ARG A 127 -18.25 -29.18 3.75
C ARG A 127 -18.47 -28.15 4.84
N LEU A 128 -18.58 -26.89 4.40
CA LEU A 128 -18.80 -25.75 5.31
C LEU A 128 -20.17 -25.14 5.03
N GLN A 129 -20.62 -24.27 5.93
CA GLN A 129 -21.84 -23.47 5.72
C GLN A 129 -21.72 -22.07 6.28
N LEU A 130 -22.06 -21.09 5.45
CA LEU A 130 -22.20 -19.71 5.92
C LEU A 130 -23.56 -19.69 6.64
N TYR A 131 -23.60 -19.22 7.87
CA TYR A 131 -24.88 -19.19 8.57
C TYR A 131 -25.00 -17.96 9.47
N ARG A 132 -26.21 -17.67 9.90
CA ARG A 132 -26.43 -16.52 10.78
C ARG A 132 -26.29 -16.96 12.25
N THR A 133 -25.35 -16.35 12.96
CA THR A 133 -25.15 -16.70 14.37
C THR A 133 -26.18 -15.96 15.22
N ALA A 134 -26.25 -16.35 16.48
CA ALA A 134 -27.15 -15.73 17.44
C ALA A 134 -26.78 -14.28 17.76
N LYS A 135 -25.48 -13.99 17.93
CA LYS A 135 -25.06 -12.68 18.45
C LYS A 135 -23.88 -12.02 17.70
N MET A 136 -23.25 -12.76 16.79
CA MET A 136 -22.02 -12.29 16.13
C MET A 136 -22.18 -12.01 14.64
N GLY A 137 -23.41 -11.88 14.16
CA GLY A 137 -23.63 -11.65 12.73
C GLY A 137 -23.49 -12.97 11.97
N TRP A 138 -22.93 -12.93 10.76
CA TRP A 138 -22.64 -14.17 10.01
C TRP A 138 -21.47 -14.91 10.63
N GLY A 139 -21.44 -16.22 10.43
CA GLY A 139 -20.33 -17.07 10.84
C GLY A 139 -20.19 -18.28 9.91
N VAL A 140 -19.20 -19.12 10.18
CA VAL A 140 -18.99 -20.30 9.33
C VAL A 140 -19.01 -21.51 10.24
N ARG A 141 -19.69 -22.56 9.81
CA ARG A 141 -19.68 -23.78 10.62
C ARG A 141 -19.44 -25.03 9.75
N ALA A 142 -19.03 -26.12 10.39
CA ALA A 142 -18.74 -27.39 9.75
C ALA A 142 -20.04 -28.12 9.51
N LEU A 143 -20.21 -28.70 8.32
CA LEU A 143 -21.35 -29.62 8.07
C LEU A 143 -20.94 -31.12 8.12
N GLN A 144 -19.73 -31.36 8.61
CA GLN A 144 -19.16 -32.71 8.73
C GLN A 144 -18.18 -32.74 9.90
N THR A 145 -17.79 -33.94 10.33
CA THR A 145 -16.71 -34.00 11.30
C THR A 145 -15.42 -33.75 10.55
N ILE A 146 -14.48 -33.09 11.22
CA ILE A 146 -13.19 -32.74 10.63
C ILE A 146 -12.10 -33.06 11.64
N PRO A 147 -11.21 -34.02 11.31
CA PRO A 147 -10.07 -34.35 12.17
C PRO A 147 -9.13 -33.17 12.37
N GLN A 148 -8.51 -33.09 13.55
CA GLN A 148 -7.36 -32.22 13.79
C GLN A 148 -6.34 -32.23 12.61
N GLY A 149 -5.82 -31.04 12.30
CA GLY A 149 -4.77 -30.88 11.28
C GLY A 149 -5.27 -30.81 9.85
N THR A 150 -6.59 -30.71 9.66
CA THR A 150 -7.14 -30.72 8.28
C THR A 150 -7.13 -29.30 7.70
N PHE A 151 -6.72 -29.15 6.43
CA PHE A 151 -6.83 -27.85 5.78
C PHE A 151 -8.31 -27.50 5.63
N ILE A 152 -8.63 -26.27 6.03
CA ILE A 152 -10.03 -25.80 5.98
C ILE A 152 -10.27 -24.91 4.78
N CYS A 153 -9.62 -23.74 4.77
CA CYS A 153 -9.78 -22.75 3.72
C CYS A 153 -8.67 -21.73 3.85
N GLU A 154 -8.48 -20.96 2.81
CA GLU A 154 -7.49 -19.89 2.80
C GLU A 154 -8.18 -18.54 3.14
N TYR A 155 -7.49 -17.62 3.81
CA TYR A 155 -8.00 -16.25 3.95
C TYR A 155 -7.76 -15.50 2.65
N VAL A 156 -8.81 -15.35 1.85
CA VAL A 156 -8.67 -14.78 0.52
C VAL A 156 -9.26 -13.37 0.50
N GLY A 157 -8.54 -12.43 -0.14
CA GLY A 157 -9.09 -11.09 -0.33
C GLY A 157 -8.22 -10.26 -1.24
N GLU A 158 -8.29 -8.95 -1.05
CA GLU A 158 -7.57 -7.98 -1.86
C GLU A 158 -6.26 -7.68 -1.15
N LEU A 159 -5.13 -7.84 -1.85
CA LEU A 159 -3.84 -7.58 -1.23
C LEU A 159 -3.58 -6.08 -1.28
N ILE A 160 -3.29 -5.50 -0.13
CA ILE A 160 -3.07 -4.03 -0.05
C ILE A 160 -1.89 -3.69 0.85
N SER A 161 -1.33 -2.49 0.65
CA SER A 161 -0.25 -2.00 1.51
C SER A 161 -0.77 -1.56 2.89
N ASP A 162 0.13 -1.53 3.86
CA ASP A 162 -0.10 -0.96 5.19
C ASP A 162 -0.67 0.46 5.12
N ALA A 163 -0.05 1.31 4.30
CA ALA A 163 -0.50 2.68 4.13
C ALA A 163 -1.93 2.74 3.58
N GLU A 164 -2.28 1.82 2.67
CA GLU A 164 -3.65 1.74 2.15
C GLU A 164 -4.66 1.28 3.21
N ALA A 165 -4.28 0.26 3.97
CA ALA A 165 -5.13 -0.29 5.03
C ALA A 165 -5.42 0.80 6.07
N ASP A 166 -4.43 1.65 6.29
CA ASP A 166 -4.47 2.70 7.30
C ASP A 166 -5.52 3.76 7.00
N VAL A 167 -5.82 3.96 5.73
CA VAL A 167 -6.82 4.95 5.34
C VAL A 167 -8.19 4.40 4.91
N ARG A 168 -8.34 3.09 4.90
CA ARG A 168 -9.61 2.44 4.57
C ARG A 168 -10.69 2.65 5.63
N GLU A 169 -11.93 2.81 5.20
CA GLU A 169 -13.00 3.12 6.15
C GLU A 169 -13.26 1.93 7.09
N ASP A 170 -13.34 0.74 6.51
CA ASP A 170 -13.73 -0.43 7.27
C ASP A 170 -12.54 -1.37 7.47
N ASP A 171 -12.13 -1.57 8.72
CA ASP A 171 -11.02 -2.46 9.04
C ASP A 171 -11.48 -3.86 9.53
N SER A 172 -12.78 -4.15 9.45
CA SER A 172 -13.39 -5.40 9.98
C SER A 172 -12.88 -6.68 9.30
N TYR A 173 -12.34 -6.54 8.10
CA TYR A 173 -12.01 -7.72 7.28
C TYR A 173 -10.52 -7.73 6.90
N LEU A 174 -9.68 -7.15 7.76
CA LEU A 174 -8.24 -7.09 7.48
C LEU A 174 -7.49 -8.20 8.18
N PHE A 175 -6.59 -8.85 7.45
CA PHE A 175 -5.69 -9.82 8.02
C PHE A 175 -4.27 -9.33 7.72
N ASP A 176 -3.51 -9.07 8.77
CA ASP A 176 -2.13 -8.58 8.65
C ASP A 176 -1.13 -9.66 8.23
N LEU A 177 -0.31 -9.33 7.24
CA LEU A 177 0.81 -10.18 6.84
C LEU A 177 2.09 -9.54 7.38
N ASP A 178 2.29 -9.65 8.69
CA ASP A 178 3.38 -8.96 9.42
C ASP A 178 4.76 -9.57 9.18
N GLU A 183 7.46 -4.05 8.70
CA GLU A 183 6.93 -3.97 7.34
C GLU A 183 5.64 -4.83 7.21
N VAL A 184 4.49 -4.20 6.91
CA VAL A 184 3.23 -4.96 6.85
C VAL A 184 2.49 -4.77 5.52
N TYR A 185 2.00 -5.86 4.93
CA TYR A 185 0.94 -5.80 3.91
C TYR A 185 -0.24 -6.47 4.57
N CYS A 186 -1.44 -6.29 3.99
CA CYS A 186 -2.67 -6.88 4.54
C CYS A 186 -3.45 -7.56 3.45
N ILE A 187 -4.30 -8.50 3.88
CA ILE A 187 -5.32 -9.03 2.99
C ILE A 187 -6.62 -8.36 3.46
N ASP A 188 -7.25 -7.57 2.59
CA ASP A 188 -8.54 -6.89 2.91
C ASP A 188 -9.68 -7.63 2.21
N ALA A 189 -10.47 -8.34 3.01
CA ALA A 189 -11.61 -9.05 2.49
C ALA A 189 -12.94 -8.25 2.51
N ARG A 190 -12.88 -6.94 2.72
CA ARG A 190 -14.12 -6.14 2.76
C ARG A 190 -14.92 -6.16 1.44
N TYR A 191 -14.26 -5.84 0.32
CA TYR A 191 -14.92 -5.75 -0.98
C TYR A 191 -14.87 -7.03 -1.76
N TYR A 192 -13.73 -7.72 -1.65
CA TYR A 192 -13.52 -8.99 -2.37
C TYR A 192 -12.99 -9.99 -1.36
N GLY A 193 -13.61 -11.18 -1.28
CA GLY A 193 -13.13 -12.14 -0.30
C GLY A 193 -13.81 -13.47 -0.49
N ASN A 194 -13.35 -14.48 0.22
CA ASN A 194 -13.95 -15.81 0.17
C ASN A 194 -14.68 -16.09 1.50
N ILE A 195 -14.97 -17.37 1.74
CA ILE A 195 -15.69 -17.82 2.95
C ILE A 195 -15.01 -17.37 4.25
N SER A 196 -13.68 -17.21 4.20
CA SER A 196 -12.93 -16.90 5.43
C SER A 196 -13.26 -15.52 6.02
N ARG A 197 -13.79 -14.63 5.19
CA ARG A 197 -14.20 -13.29 5.63
C ARG A 197 -15.28 -13.33 6.72
N PHE A 198 -16.00 -14.44 6.77
CA PHE A 198 -17.10 -14.63 7.71
C PHE A 198 -16.72 -15.42 8.97
N ILE A 199 -15.45 -15.77 9.12
CA ILE A 199 -15.02 -16.52 10.30
C ILE A 199 -14.84 -15.59 11.50
N ASN A 200 -15.55 -15.91 12.57
CA ASN A 200 -15.54 -15.06 13.76
C ASN A 200 -14.40 -15.40 14.68
N HIS A 201 -14.13 -14.49 15.62
CA HIS A 201 -13.20 -14.72 16.70
C HIS A 201 -13.83 -15.65 17.73
N LEU A 202 -13.05 -16.62 18.18
CA LEU A 202 -13.43 -17.51 19.30
C LEU A 202 -12.32 -17.54 20.33
N CYS A 203 -12.69 -17.35 21.61
CA CYS A 203 -11.73 -17.45 22.71
C CYS A 203 -11.37 -18.91 22.95
N ASP A 204 -12.20 -19.83 22.47
CA ASP A 204 -11.85 -21.26 22.42
C ASP A 204 -11.73 -21.73 20.95
N PRO A 205 -10.66 -21.30 20.23
CA PRO A 205 -10.63 -21.48 18.77
C PRO A 205 -10.36 -22.94 18.36
N ASN A 206 -10.82 -23.32 17.18
CA ASN A 206 -10.62 -24.65 16.65
C ASN A 206 -9.90 -24.65 15.29
N ILE A 207 -9.49 -23.48 14.84
CA ILE A 207 -8.62 -23.38 13.65
C ILE A 207 -7.44 -22.44 13.92
N ILE A 208 -6.33 -22.64 13.20
CA ILE A 208 -5.16 -21.75 13.29
C ILE A 208 -4.73 -21.29 11.90
N PRO A 209 -4.33 -20.01 11.76
CA PRO A 209 -3.79 -19.58 10.46
C PRO A 209 -2.30 -19.94 10.34
N VAL A 210 -1.90 -20.37 9.14
CA VAL A 210 -0.53 -20.76 8.86
C VAL A 210 -0.09 -20.03 7.58
N ARG A 211 1.10 -19.45 7.60
CA ARG A 211 1.64 -18.81 6.40
C ARG A 211 2.25 -19.82 5.42
N VAL A 212 1.87 -19.69 4.15
CA VAL A 212 2.19 -20.71 3.15
C VAL A 212 2.61 -20.06 1.86
N PHE A 213 3.62 -20.67 1.23
CA PHE A 213 4.05 -20.23 -0.10
C PHE A 213 3.82 -21.35 -1.13
N MET A 214 3.30 -20.96 -2.28
CA MET A 214 2.95 -21.85 -3.38
C MET A 214 3.60 -21.38 -4.69
N LEU A 215 2.91 -20.54 -5.47
CA LEU A 215 3.34 -20.21 -6.83
C LEU A 215 4.45 -19.13 -6.88
N HIS A 216 4.66 -18.46 -5.76
CA HIS A 216 5.75 -17.48 -5.64
C HIS A 216 6.30 -17.62 -4.24
N GLN A 217 7.52 -17.11 -4.03
CA GLN A 217 8.08 -17.07 -2.70
C GLN A 217 8.47 -15.65 -2.29
N ASP A 218 7.62 -14.70 -2.67
CA ASP A 218 7.79 -13.30 -2.25
C ASP A 218 7.34 -13.22 -0.78
N LEU A 219 8.34 -13.14 0.10
CA LEU A 219 8.11 -13.21 1.55
C LEU A 219 7.22 -12.10 2.12
N ARG A 220 6.99 -11.04 1.34
CA ARG A 220 6.05 -9.98 1.73
C ARG A 220 4.61 -10.48 1.72
N PHE A 221 4.38 -11.53 0.95
CA PHE A 221 3.03 -11.96 0.60
C PHE A 221 2.79 -13.44 0.86
N PRO A 222 2.93 -13.86 2.14
CA PRO A 222 2.51 -15.22 2.48
C PRO A 222 1.00 -15.37 2.25
N ARG A 223 0.56 -16.58 1.95
CA ARG A 223 -0.88 -16.80 1.84
C ARG A 223 -1.28 -17.46 3.16
N ILE A 224 -2.53 -17.25 3.59
CA ILE A 224 -2.92 -17.62 4.93
C ILE A 224 -3.84 -18.83 4.85
N ALA A 225 -3.40 -19.93 5.44
CA ALA A 225 -4.12 -21.18 5.38
C ALA A 225 -4.61 -21.53 6.78
N PHE A 226 -5.91 -21.77 6.86
CA PHE A 226 -6.50 -22.24 8.12
C PHE A 226 -6.53 -23.76 8.17
N PHE A 227 -6.01 -24.30 9.26
CA PHE A 227 -6.02 -25.74 9.57
C PHE A 227 -6.75 -25.94 10.91
N SER A 228 -7.56 -26.99 11.01
CA SER A 228 -8.12 -27.35 12.35
C SER A 228 -7.05 -27.64 13.42
N SER A 229 -7.28 -27.13 14.63
CA SER A 229 -6.36 -27.31 15.75
C SER A 229 -6.75 -28.46 16.66
N ARG A 230 -7.94 -29.00 16.43
CA ARG A 230 -8.45 -30.16 17.14
C ARG A 230 -9.53 -30.76 16.28
N ASP A 231 -9.99 -31.96 16.64
CA ASP A 231 -11.17 -32.53 15.99
C ASP A 231 -12.37 -31.58 16.12
N ILE A 232 -13.05 -31.34 15.01
CA ILE A 232 -14.23 -30.48 14.96
C ILE A 232 -15.47 -31.33 14.73
N ARG A 233 -16.55 -31.02 15.47
CA ARG A 233 -17.81 -31.78 15.36
C ARG A 233 -18.77 -31.11 14.37
N THR A 234 -19.67 -31.90 13.77
CA THR A 234 -20.66 -31.31 12.87
C THR A 234 -21.45 -30.24 13.57
N GLY A 235 -21.71 -29.17 12.84
CA GLY A 235 -22.46 -28.02 13.33
C GLY A 235 -21.62 -27.04 14.12
N GLU A 236 -20.37 -27.38 14.43
CA GLU A 236 -19.54 -26.50 15.24
C GLU A 236 -19.14 -25.25 14.43
N GLU A 237 -19.25 -24.07 15.06
CA GLU A 237 -18.74 -22.85 14.45
C GLU A 237 -17.22 -22.89 14.40
N LEU A 238 -16.68 -22.46 13.27
CA LEU A 238 -15.27 -22.35 13.07
C LEU A 238 -14.83 -20.99 13.58
N GLY A 239 -13.67 -20.94 14.24
CA GLY A 239 -13.20 -19.64 14.69
C GLY A 239 -11.74 -19.66 15.04
N PHE A 240 -11.07 -18.54 14.84
CA PHE A 240 -9.67 -18.41 15.23
C PHE A 240 -9.47 -17.27 16.23
N ASP A 241 -8.30 -17.23 16.88
CA ASP A 241 -7.96 -16.17 17.84
C ASP A 241 -7.53 -14.92 17.08
N TYR A 242 -8.38 -13.90 17.05
CA TYR A 242 -8.01 -12.64 16.40
C TYR A 242 -6.80 -11.99 17.09
N GLY A 243 -6.53 -12.36 18.33
CA GLY A 243 -5.37 -11.87 19.07
C GLY A 243 -5.65 -10.72 20.02
N ASP A 244 -4.85 -10.62 21.08
CA ASP A 244 -5.00 -9.60 22.11
C ASP A 244 -4.91 -8.17 21.58
N ARG A 245 -4.03 -7.92 20.60
CA ARG A 245 -3.88 -6.58 20.01
C ARG A 245 -5.14 -6.11 19.30
N PHE A 246 -5.79 -7.01 18.56
CA PHE A 246 -7.09 -6.73 17.94
C PHE A 246 -8.11 -6.26 18.96
N TRP A 247 -8.20 -6.97 20.07
CA TRP A 247 -9.16 -6.63 21.11
C TRP A 247 -8.87 -5.28 21.82
N ASP A 248 -7.59 -5.05 22.15
CA ASP A 248 -7.14 -3.74 22.61
C ASP A 248 -7.18 -2.75 21.46
N TYR A 253 -15.70 -0.23 20.74
CA TYR A 253 -16.78 -0.37 19.76
C TYR A 253 -17.70 -1.57 20.04
N PHE A 254 -17.12 -2.72 20.36
CA PHE A 254 -17.88 -3.96 20.65
C PHE A 254 -17.06 -4.98 21.44
N THR A 255 -17.75 -5.92 22.08
CA THR A 255 -17.09 -6.89 22.94
C THR A 255 -17.40 -8.32 22.49
N CYS A 256 -16.65 -9.29 23.03
CA CYS A 256 -16.77 -10.66 22.55
C CYS A 256 -18.09 -11.29 22.94
N GLN A 257 -18.70 -11.97 21.97
CA GLN A 257 -19.97 -12.68 22.15
C GLN A 257 -19.76 -14.18 21.91
N CYS A 258 -18.51 -14.65 22.00
CA CYS A 258 -18.23 -16.07 21.72
C CYS A 258 -18.98 -17.01 22.69
N GLY A 259 -19.28 -16.49 23.88
CA GLY A 259 -20.12 -17.21 24.85
C GLY A 259 -19.44 -18.37 25.56
N SER A 260 -18.13 -18.50 25.36
CA SER A 260 -17.35 -19.58 25.97
C SER A 260 -17.12 -19.31 27.45
N GLU A 261 -17.12 -20.38 28.24
CA GLU A 261 -16.69 -20.33 29.64
C GLU A 261 -15.27 -19.75 29.77
N LYS A 262 -14.48 -19.85 28.71
CA LYS A 262 -13.13 -19.29 28.68
C LYS A 262 -13.03 -17.88 28.08
N CYS A 263 -14.16 -17.23 27.82
CA CYS A 263 -14.11 -15.95 27.11
C CYS A 263 -13.30 -14.93 27.91
N LYS A 264 -12.31 -14.34 27.25
CA LYS A 264 -11.50 -13.33 27.89
C LYS A 264 -11.73 -11.92 27.34
N HIS A 265 -12.71 -11.75 26.46
CA HIS A 265 -12.91 -10.47 25.77
C HIS A 265 -14.36 -9.97 25.79
N SER A 266 -15.22 -10.59 26.57
CA SER A 266 -16.57 -10.07 26.75
C SER A 266 -16.58 -8.77 27.58
N ALA A 267 -17.71 -8.05 27.54
CA ALA A 267 -17.89 -6.88 28.38
C ALA A 267 -17.69 -7.28 29.86
N GLU A 268 -18.17 -8.48 30.21
CA GLU A 268 -18.03 -9.00 31.56
C GLU A 268 -16.56 -9.27 31.93
N ALA A 269 -15.89 -10.10 31.13
CA ALA A 269 -14.75 -10.82 31.63
C ALA A 269 -13.63 -10.90 30.60
N ILE B 10 -21.44 16.13 21.82
CA ILE B 10 -21.87 17.47 21.31
C ILE B 10 -21.04 17.94 20.12
N CYS B 11 -19.75 17.59 20.13
CA CYS B 11 -18.85 17.80 19.00
C CYS B 11 -18.01 16.53 18.91
N ARG B 12 -17.92 15.94 17.71
CA ARG B 12 -17.15 14.70 17.56
C ARG B 12 -15.65 14.93 17.70
N ASP B 13 -15.19 16.10 17.25
CA ASP B 13 -13.76 16.39 17.25
C ASP B 13 -13.52 17.89 17.24
N VAL B 14 -13.14 18.42 18.41
CA VAL B 14 -12.82 19.85 18.55
C VAL B 14 -11.57 20.24 17.75
N ALA B 15 -10.74 19.25 17.40
CA ALA B 15 -9.52 19.49 16.61
C ALA B 15 -9.77 19.51 15.09
N ARG B 16 -11.01 19.23 14.66
CA ARG B 16 -11.38 19.22 13.24
C ARG B 16 -10.43 18.38 12.37
N GLY B 17 -10.06 17.20 12.88
CA GLY B 17 -9.20 16.23 12.17
C GLY B 17 -7.71 16.55 12.14
N TYR B 18 -7.26 17.58 12.87
CA TYR B 18 -5.82 17.96 12.86
C TYR B 18 -4.90 17.08 13.72
N GLU B 19 -5.47 16.38 14.68
CA GLU B 19 -4.68 15.46 15.53
C GLU B 19 -4.80 14.01 15.05
N ASN B 20 -3.92 13.15 15.55
CA ASN B 20 -3.92 11.73 15.16
C ASN B 20 -5.25 11.06 15.51
N VAL B 21 -5.87 11.57 16.56
CA VAL B 21 -7.10 10.99 17.12
C VAL B 21 -8.12 12.13 17.32
N PRO B 22 -9.43 11.81 17.25
CA PRO B 22 -10.42 12.83 17.58
C PRO B 22 -10.41 13.21 19.08
N ILE B 23 -10.90 14.41 19.35
CA ILE B 23 -11.06 14.89 20.73
C ILE B 23 -12.50 15.38 20.84
N PRO B 24 -13.38 14.48 21.29
CA PRO B 24 -14.77 14.91 21.39
C PRO B 24 -15.03 15.82 22.58
N CYS B 25 -16.19 16.46 22.56
CA CYS B 25 -16.65 17.34 23.62
C CYS B 25 -18.05 16.91 24.08
N VAL B 26 -18.23 16.86 25.40
CA VAL B 26 -19.53 16.57 26.00
C VAL B 26 -19.83 17.59 27.08
N ASN B 27 -21.12 17.75 27.38
CA ASN B 27 -21.53 18.54 28.52
C ASN B 27 -22.71 17.86 29.21
N GLY B 28 -22.45 17.25 30.36
CA GLY B 28 -23.51 16.65 31.16
C GLY B 28 -23.82 17.44 32.43
N VAL B 29 -23.52 18.74 32.40
CA VAL B 29 -23.60 19.59 33.58
C VAL B 29 -24.55 20.79 33.41
N ASP B 30 -24.45 21.51 32.30
CA ASP B 30 -25.30 22.67 32.02
C ASP B 30 -25.55 22.88 30.52
N GLY B 31 -26.01 24.08 30.16
CA GLY B 31 -26.40 24.40 28.78
C GLY B 31 -25.34 25.12 27.95
N GLU B 32 -24.10 25.14 28.44
CA GLU B 32 -22.96 25.66 27.67
C GLU B 32 -22.72 24.80 26.42
N PRO B 33 -22.79 25.41 25.23
CA PRO B 33 -22.37 24.71 24.02
C PRO B 33 -20.85 24.59 23.98
N CYS B 34 -20.35 23.65 23.15
CA CYS B 34 -18.92 23.52 22.89
C CYS B 34 -18.26 24.88 22.72
N PRO B 35 -17.16 25.12 23.45
CA PRO B 35 -16.53 26.45 23.40
C PRO B 35 -16.06 26.81 21.98
N GLU B 36 -16.32 28.06 21.58
CA GLU B 36 -15.98 28.50 20.23
C GLU B 36 -15.32 29.88 20.15
N ASP B 37 -15.02 30.48 21.31
CA ASP B 37 -14.36 31.80 21.31
C ASP B 37 -12.83 31.69 21.25
N TYR B 38 -12.36 30.75 20.43
CA TYR B 38 -10.93 30.62 20.15
C TYR B 38 -10.77 29.88 18.83
N LYS B 39 -9.54 29.85 18.32
CA LYS B 39 -9.24 29.09 17.11
C LYS B 39 -8.39 27.88 17.41
N TYR B 40 -8.91 26.68 17.14
CA TYR B 40 -8.13 25.46 17.39
C TYR B 40 -7.01 25.35 16.39
N ILE B 41 -5.77 25.26 16.88
CA ILE B 41 -4.58 25.01 16.04
C ILE B 41 -3.81 23.84 16.63
N SER B 42 -3.28 22.96 15.78
CA SER B 42 -2.51 21.78 16.28
C SER B 42 -1.03 22.06 16.53
N GLU B 43 -0.54 23.19 15.97
CA GLU B 43 0.87 23.55 16.05
C GLU B 43 0.98 25.03 16.34
N ASN B 44 2.04 25.41 17.05
CA ASN B 44 2.27 26.81 17.42
C ASN B 44 2.21 27.77 16.22
N CYS B 45 1.66 28.95 16.44
CA CYS B 45 1.56 29.98 15.41
C CYS B 45 2.30 31.27 15.86
N GLU B 46 2.39 32.22 14.95
CA GLU B 46 2.96 33.57 15.18
C GLU B 46 1.94 34.57 14.65
N THR B 47 1.81 35.71 15.35
CA THR B 47 0.97 36.83 14.92
C THR B 47 1.81 38.12 14.71
N SER B 48 3.10 38.01 15.01
CA SER B 48 4.16 38.91 14.56
C SER B 48 5.43 38.07 14.53
N THR B 49 6.44 38.55 13.82
CA THR B 49 7.64 37.78 13.49
C THR B 49 8.41 37.28 14.73
N MET B 50 8.70 35.97 14.74
CA MET B 50 9.52 35.38 15.81
C MET B 50 11.02 35.18 15.50
N ASN B 51 11.39 35.09 14.22
CA ASN B 51 12.79 34.87 13.81
C ASN B 51 13.52 33.68 14.47
N ILE B 52 12.81 32.55 14.48
CA ILE B 52 13.34 31.31 15.01
C ILE B 52 14.46 30.89 14.06
N ASP B 53 15.56 30.39 14.62
CA ASP B 53 16.67 29.95 13.81
C ASP B 53 16.29 28.58 13.24
N ARG B 54 16.05 28.53 11.94
CA ARG B 54 15.63 27.27 11.28
C ARG B 54 16.73 26.69 10.41
N ASN B 55 17.94 27.28 10.47
CA ASN B 55 19.08 26.79 9.66
C ASN B 55 19.36 25.33 9.97
N ILE B 56 19.17 24.44 8.97
CA ILE B 56 19.37 23.00 9.18
C ILE B 56 20.81 22.64 9.63
N THR B 57 21.77 23.48 9.25
CA THR B 57 23.19 23.26 9.59
C THR B 57 23.48 23.63 11.05
N HIS B 58 22.55 24.37 11.68
CA HIS B 58 22.69 24.65 13.12
C HIS B 58 22.08 23.55 14.00
N LEU B 59 21.54 22.51 13.37
CA LEU B 59 20.97 21.39 14.11
C LEU B 59 22.06 20.44 14.56
N GLN B 60 22.18 20.25 15.86
CA GLN B 60 22.97 19.13 16.34
C GLN B 60 22.15 17.87 16.04
N HIS B 61 22.85 16.80 15.64
CA HIS B 61 22.16 15.62 15.13
C HIS B 61 23.04 14.41 15.28
N CYS B 62 22.42 13.24 15.27
CA CYS B 62 23.17 12.03 15.49
C CYS B 62 23.56 11.36 14.17
N THR B 63 24.45 10.37 14.29
CA THR B 63 24.95 9.64 13.14
C THR B 63 24.59 8.17 13.29
N CYS B 64 23.60 7.90 14.13
CA CYS B 64 23.10 6.57 14.38
C CYS B 64 22.63 5.83 13.15
N VAL B 65 23.17 4.63 13.03
CA VAL B 65 22.85 3.69 11.97
C VAL B 65 21.87 2.62 12.48
N ASP B 66 21.41 2.77 13.73
CA ASP B 66 20.36 1.94 14.34
C ASP B 66 19.10 2.74 14.72
N ASP B 67 18.33 2.25 15.69
CA ASP B 67 17.05 2.88 16.09
C ASP B 67 17.18 3.88 17.25
N CYS B 68 18.40 4.37 17.45
CA CYS B 68 18.70 5.41 18.43
C CYS B 68 18.44 4.97 19.87
N SER B 69 18.46 3.65 20.08
CA SER B 69 18.31 3.08 21.43
C SER B 69 19.64 2.75 22.11
N SER B 70 20.75 3.14 21.48
CA SER B 70 22.08 2.98 22.07
C SER B 70 22.55 4.28 22.72
N SER B 71 23.48 4.13 23.66
CA SER B 71 24.00 5.27 24.44
C SER B 71 24.93 6.21 23.66
N ASN B 72 25.32 5.83 22.44
CA ASN B 72 26.14 6.74 21.62
C ASN B 72 25.34 7.75 20.79
N CYS B 73 24.02 7.64 20.81
CA CYS B 73 23.17 8.63 20.13
C CYS B 73 23.42 10.03 20.68
N LEU B 74 23.90 10.91 19.81
CA LEU B 74 24.22 12.28 20.17
C LEU B 74 23.00 13.01 20.73
N CYS B 75 21.83 12.74 20.16
CA CYS B 75 20.61 13.41 20.58
C CYS B 75 20.22 13.03 22.02
N GLY B 76 20.30 11.74 22.33
CA GLY B 76 20.16 11.25 23.70
C GLY B 76 21.18 11.91 24.63
N GLN B 77 22.40 12.11 24.14
CA GLN B 77 23.45 12.72 24.96
C GLN B 77 23.20 14.20 25.24
N LEU B 78 22.64 14.91 24.25
CA LEU B 78 22.22 16.31 24.41
C LEU B 78 21.13 16.43 25.48
N SER B 79 20.35 15.37 25.60
CA SER B 79 19.22 15.27 26.52
C SER B 79 19.72 14.70 27.86
N ILE B 80 21.05 14.65 28.00
CA ILE B 80 21.80 13.89 29.04
C ILE B 80 21.82 12.36 28.80
N ARG B 81 20.64 11.75 28.76
CA ARG B 81 20.42 10.46 28.09
C ARG B 81 19.05 10.54 27.41
N CYS B 82 18.73 9.56 26.57
CA CYS B 82 17.38 9.44 26.07
C CYS B 82 16.51 8.92 27.23
N TRP B 83 15.41 9.63 27.46
CA TRP B 83 14.53 9.32 28.59
C TRP B 83 13.34 8.46 28.23
N TYR B 84 13.24 8.08 26.96
CA TYR B 84 12.14 7.23 26.52
C TYR B 84 12.53 5.76 26.54
N ASP B 85 11.67 4.94 27.13
CA ASP B 85 11.81 3.50 27.04
C ASP B 85 11.35 2.98 25.66
N LYS B 86 11.30 1.65 25.49
CA LYS B 86 11.03 1.04 24.20
C LYS B 86 9.60 1.28 23.72
N ASP B 87 8.77 1.79 24.63
CA ASP B 87 7.35 2.04 24.37
C ASP B 87 6.98 3.53 24.28
N GLY B 88 8.00 4.38 24.28
CA GLY B 88 7.82 5.84 24.15
C GLY B 88 7.51 6.58 25.46
N ARG B 89 7.60 5.86 26.58
CA ARG B 89 7.32 6.45 27.90
C ARG B 89 8.58 6.86 28.62
N LEU B 90 8.46 7.94 29.39
CA LEU B 90 9.54 8.44 30.22
C LEU B 90 9.95 7.38 31.23
N LEU B 91 11.25 7.29 31.49
CA LEU B 91 11.78 6.31 32.44
C LEU B 91 11.35 6.66 33.85
N GLN B 92 11.16 5.64 34.68
CA GLN B 92 10.82 5.87 36.10
C GLN B 92 11.77 6.86 36.75
N GLU B 93 13.05 6.80 36.38
CA GLU B 93 14.10 7.66 36.95
C GLU B 93 13.98 9.12 36.56
N PHE B 94 13.14 9.43 35.55
CA PHE B 94 13.02 10.79 35.02
C PHE B 94 12.80 11.81 36.14
N ASN B 95 13.58 12.89 36.13
CA ASN B 95 13.44 13.95 37.10
C ASN B 95 12.13 14.72 36.87
N LYS B 96 11.06 14.26 37.51
CA LYS B 96 9.70 14.77 37.28
C LYS B 96 9.44 16.07 38.02
N ILE B 97 10.43 16.56 38.76
CA ILE B 97 10.27 17.81 39.51
C ILE B 97 11.09 18.93 38.85
N GLU B 98 12.30 18.60 38.41
CA GLU B 98 13.11 19.49 37.57
C GLU B 98 13.55 18.75 36.28
N PRO B 99 12.63 18.63 35.31
CA PRO B 99 12.93 17.89 34.07
C PRO B 99 14.12 18.45 33.29
N PRO B 100 14.90 17.56 32.63
CA PRO B 100 15.93 18.06 31.72
C PRO B 100 15.30 18.48 30.38
N LEU B 101 16.04 19.27 29.61
CA LEU B 101 15.68 19.56 28.23
C LEU B 101 15.71 18.25 27.44
N ILE B 102 14.69 18.00 26.64
CA ILE B 102 14.69 16.84 25.75
C ILE B 102 15.00 17.30 24.32
N PHE B 103 16.01 16.67 23.71
CA PHE B 103 16.37 16.92 22.31
C PHE B 103 15.99 15.68 21.51
N GLU B 104 14.88 15.74 20.78
CA GLU B 104 14.43 14.59 19.97
C GLU B 104 15.26 14.55 18.68
N CYS B 105 15.23 13.41 17.99
CA CYS B 105 15.86 13.34 16.66
C CYS B 105 15.12 14.23 15.64
N ASN B 106 15.80 14.54 14.56
CA ASN B 106 15.36 15.60 13.64
C ASN B 106 15.73 15.25 12.19
N GLN B 107 15.44 16.19 11.29
CA GLN B 107 15.61 15.94 9.86
C GLN B 107 17.09 15.85 9.45
N ALA B 108 18.00 16.28 10.33
CA ALA B 108 19.44 16.23 10.04
C ALA B 108 20.05 14.90 10.47
N CYS B 109 19.38 14.22 11.38
CA CYS B 109 19.87 12.91 11.83
C CYS B 109 19.93 11.87 10.71
N SER B 110 20.87 10.92 10.82
CA SER B 110 20.95 9.80 9.88
C SER B 110 19.89 8.69 10.10
N CYS B 111 19.24 8.71 11.27
CA CYS B 111 18.26 7.69 11.66
C CYS B 111 16.88 7.79 10.94
N TRP B 112 16.03 6.79 11.13
CA TRP B 112 14.70 6.77 10.50
C TRP B 112 13.66 7.57 11.30
N ARG B 113 12.61 8.00 10.61
CA ARG B 113 11.50 8.71 11.25
C ARG B 113 10.83 7.94 12.38
N ASN B 114 11.02 6.62 12.42
CA ASN B 114 10.41 5.83 13.49
C ASN B 114 11.39 5.39 14.59
N CYS B 115 12.53 6.07 14.72
CA CYS B 115 13.48 5.76 15.79
C CYS B 115 12.85 6.05 17.16
N LYS B 116 13.57 5.73 18.22
CA LYS B 116 13.01 5.72 19.58
C LYS B 116 13.05 7.10 20.25
N ASN B 117 13.65 8.08 19.57
CA ASN B 117 13.80 9.41 20.11
C ASN B 117 12.89 10.43 19.40
N ARG B 118 11.62 10.07 19.23
CA ARG B 118 10.66 10.88 18.45
C ARG B 118 9.21 10.87 18.98
N VAL B 119 9.06 10.79 20.30
CA VAL B 119 7.76 10.66 20.91
C VAL B 119 6.88 11.91 20.69
N VAL B 120 7.38 13.08 21.07
CA VAL B 120 6.54 14.29 21.04
C VAL B 120 6.20 14.67 19.59
N GLN B 121 7.18 14.53 18.71
CA GLN B 121 6.95 14.92 17.31
C GLN B 121 5.92 14.03 16.61
N SER B 122 5.64 12.84 17.15
CA SER B 122 4.67 11.92 16.56
C SER B 122 3.24 12.18 17.01
N GLY B 123 3.07 13.10 17.97
CA GLY B 123 1.76 13.66 18.31
C GLY B 123 0.89 12.85 19.25
N ILE B 124 -0.39 13.19 19.29
CA ILE B 124 -1.29 12.67 20.33
C ILE B 124 -1.65 11.23 20.00
N LYS B 125 -1.56 10.33 20.99
CA LYS B 125 -1.98 8.93 20.81
C LYS B 125 -3.08 8.48 21.77
N VAL B 126 -3.21 9.15 22.90
CA VAL B 126 -4.22 8.74 23.90
C VAL B 126 -5.60 9.33 23.58
N ARG B 127 -6.67 8.69 24.06
CA ARG B 127 -8.01 9.23 23.88
C ARG B 127 -8.38 10.21 24.98
N LEU B 128 -8.64 11.46 24.56
CA LEU B 128 -8.97 12.56 25.44
C LEU B 128 -10.39 13.02 25.14
N GLN B 129 -10.96 13.74 26.08
CA GLN B 129 -12.28 14.34 25.91
C GLN B 129 -12.35 15.69 26.61
N LEU B 130 -12.89 16.68 25.89
CA LEU B 130 -13.17 17.97 26.47
C LEU B 130 -14.53 17.84 27.14
N TYR B 131 -14.63 18.21 28.41
CA TYR B 131 -15.90 18.00 29.13
C TYR B 131 -16.17 19.15 30.11
N ARG B 132 -17.44 19.29 30.51
CA ARG B 132 -17.83 20.32 31.47
C ARG B 132 -17.65 19.78 32.88
N THR B 133 -16.79 20.44 33.64
CA THR B 133 -16.57 20.10 35.05
C THR B 133 -17.71 20.70 35.90
N ALA B 134 -17.81 20.26 37.16
CA ALA B 134 -18.84 20.78 38.06
C ALA B 134 -18.58 22.22 38.51
N LYS B 135 -17.31 22.55 38.79
CA LYS B 135 -16.98 23.82 39.44
C LYS B 135 -15.86 24.59 38.76
N MET B 136 -15.31 24.04 37.68
CA MET B 136 -14.05 24.57 37.13
C MET B 136 -14.12 24.96 35.66
N GLY B 137 -15.33 24.99 35.10
CA GLY B 137 -15.54 25.32 33.69
C GLY B 137 -15.29 24.09 32.85
N TRP B 138 -14.64 24.28 31.69
CA TRP B 138 -14.29 23.14 30.84
C TRP B 138 -13.02 22.51 31.40
N GLY B 139 -12.90 21.19 31.21
CA GLY B 139 -11.70 20.45 31.61
C GLY B 139 -11.39 19.37 30.61
N VAL B 140 -10.26 18.69 30.80
CA VAL B 140 -9.88 17.58 29.92
C VAL B 140 -9.71 16.31 30.71
N ARG B 141 -10.29 15.22 30.22
CA ARG B 141 -10.14 13.96 30.90
C ARG B 141 -9.78 12.81 29.96
N ALA B 142 -9.23 11.74 30.55
CA ALA B 142 -8.85 10.53 29.83
C ALA B 142 -10.05 9.63 29.59
N LEU B 143 -10.12 9.08 28.38
CA LEU B 143 -11.14 8.12 28.01
C LEU B 143 -10.59 6.70 28.06
N GLN B 144 -9.38 6.56 28.60
CA GLN B 144 -8.65 5.29 28.67
C GLN B 144 -7.70 5.30 29.86
N THR B 145 -7.21 4.12 30.23
CA THR B 145 -6.15 4.05 31.20
C THR B 145 -4.86 4.58 30.53
N ILE B 146 -4.08 5.36 31.27
CA ILE B 146 -2.83 5.93 30.76
C ILE B 146 -1.67 5.67 31.74
N PRO B 147 -0.72 4.81 31.35
CA PRO B 147 0.45 4.55 32.22
C PRO B 147 1.29 5.80 32.49
N GLN B 148 1.96 5.82 33.64
CA GLN B 148 3.00 6.81 33.95
C GLN B 148 4.02 6.98 32.81
N GLY B 149 4.42 8.23 32.54
CA GLY B 149 5.46 8.56 31.56
C GLY B 149 4.98 8.71 30.11
N THR B 150 3.68 8.56 29.92
CA THR B 150 3.06 8.59 28.60
C THR B 150 2.91 10.04 28.14
N PHE B 151 3.29 10.32 26.88
CA PHE B 151 3.05 11.63 26.28
C PHE B 151 1.55 11.86 26.08
N ILE B 152 1.06 13.02 26.51
CA ILE B 152 -0.37 13.30 26.45
C ILE B 152 -0.65 14.25 25.30
N CYS B 153 -0.08 15.46 25.40
CA CYS B 153 -0.28 16.52 24.40
C CYS B 153 0.70 17.66 24.60
N GLU B 154 0.81 18.52 23.59
CA GLU B 154 1.70 19.68 23.66
C GLU B 154 0.86 20.90 24.08
N TYR B 155 1.46 21.83 24.83
CA TYR B 155 0.82 23.14 25.02
C TYR B 155 1.10 24.00 23.81
N VAL B 156 0.06 24.22 23.02
CA VAL B 156 0.14 24.88 21.74
C VAL B 156 -0.67 26.16 21.77
N GLY B 157 -0.13 27.19 21.13
CA GLY B 157 -0.82 28.46 21.05
C GLY B 157 0.00 29.43 20.24
N GLU B 158 -0.22 30.71 20.53
CA GLU B 158 0.42 31.78 19.82
C GLU B 158 1.69 32.21 20.54
N LEU B 159 2.83 32.15 19.84
CA LEU B 159 4.10 32.56 20.43
C LEU B 159 4.20 34.08 20.49
N ILE B 160 4.45 34.60 21.69
CA ILE B 160 4.54 36.05 21.95
C ILE B 160 5.71 36.38 22.89
N SER B 161 6.18 37.64 22.83
CA SER B 161 7.24 38.08 23.74
C SER B 161 6.69 38.24 25.15
N ASP B 162 7.60 38.16 26.13
CA ASP B 162 7.28 38.52 27.50
C ASP B 162 6.58 39.89 27.62
N ALA B 163 7.06 40.89 26.87
CA ALA B 163 6.44 42.23 26.83
C ALA B 163 5.00 42.23 26.30
N GLU B 164 4.75 41.47 25.24
CA GLU B 164 3.39 41.30 24.70
C GLU B 164 2.47 40.65 25.71
N ALA B 165 2.98 39.65 26.44
CA ALA B 165 2.24 39.00 27.52
C ALA B 165 1.77 39.99 28.59
N ASP B 166 2.61 40.98 28.87
CA ASP B 166 2.24 42.11 29.75
C ASP B 166 1.09 42.96 29.23
N VAL B 167 1.12 43.33 27.95
CA VAL B 167 0.13 44.26 27.42
C VAL B 167 -1.24 43.60 27.39
N ARG B 168 -1.27 42.27 27.37
CA ARG B 168 -2.51 41.57 27.13
C ARG B 168 -3.41 41.49 28.35
N GLU B 169 -4.69 41.74 28.09
CA GLU B 169 -5.73 41.76 29.12
C GLU B 169 -5.94 40.38 29.76
N ASP B 170 -6.01 39.34 28.93
CA ASP B 170 -6.22 37.99 29.43
C ASP B 170 -4.91 37.22 29.59
N ASP B 171 -4.64 36.78 30.82
CA ASP B 171 -3.49 35.94 31.12
C ASP B 171 -3.89 34.52 31.58
N SER B 172 -5.14 34.15 31.34
CA SER B 172 -5.69 32.87 31.80
C SER B 172 -5.20 31.66 30.99
N TYR B 173 -4.58 31.93 29.84
CA TYR B 173 -4.12 30.87 28.91
C TYR B 173 -2.67 31.04 28.52
N LEU B 174 -1.88 31.59 29.43
CA LEU B 174 -0.49 31.88 29.15
C LEU B 174 0.42 30.84 29.75
N PHE B 175 1.37 30.37 28.93
CA PHE B 175 2.45 29.49 29.40
C PHE B 175 3.83 30.11 29.16
N ASP B 176 4.56 30.41 30.24
CA ASP B 176 5.95 30.92 30.15
C ASP B 176 6.94 29.89 29.65
N LEU B 177 7.69 30.21 28.60
CA LEU B 177 8.81 29.37 28.18
C LEU B 177 10.03 29.76 29.02
N ASP B 178 10.10 29.16 30.21
CA ASP B 178 10.91 29.68 31.34
C ASP B 178 12.41 29.57 31.14
N ASN B 179 12.89 30.07 30.00
CA ASN B 179 14.29 30.41 29.81
C ASN B 179 14.81 31.07 31.08
N LYS B 180 15.88 30.50 31.64
CA LYS B 180 16.53 31.08 32.81
C LYS B 180 17.35 32.31 32.40
N ASP B 181 17.76 32.33 31.14
CA ASP B 181 18.45 33.48 30.57
C ASP B 181 18.05 33.73 29.11
N GLY B 182 18.57 34.82 28.54
CA GLY B 182 18.25 35.24 27.19
C GLY B 182 16.84 35.79 27.07
N GLU B 183 16.41 35.96 25.82
CA GLU B 183 15.06 36.43 25.49
C GLU B 183 13.97 35.48 25.98
N VAL B 184 12.95 36.04 26.63
CA VAL B 184 11.86 35.27 27.25
C VAL B 184 10.58 35.38 26.41
N TYR B 185 10.08 34.22 25.97
CA TYR B 185 8.84 34.14 25.17
C TYR B 185 7.81 33.34 25.94
N CYS B 186 6.56 33.45 25.51
CA CYS B 186 5.40 32.78 26.14
C CYS B 186 4.56 32.20 25.05
N ILE B 187 3.74 31.23 25.44
CA ILE B 187 2.71 30.71 24.56
C ILE B 187 1.37 31.21 25.10
N ASP B 188 0.69 32.04 24.32
CA ASP B 188 -0.64 32.47 24.72
C ASP B 188 -1.69 31.65 23.96
N ALA B 189 -2.46 30.85 24.68
CA ALA B 189 -3.48 30.00 24.07
C ALA B 189 -4.88 30.63 24.08
N ARG B 190 -4.96 31.92 24.40
CA ARG B 190 -6.27 32.60 24.48
C ARG B 190 -7.04 32.64 23.14
N TYR B 191 -6.34 33.08 22.08
CA TYR B 191 -6.93 33.29 20.76
C TYR B 191 -6.76 32.09 19.83
N TYR B 192 -5.58 31.47 19.92
CA TYR B 192 -5.20 30.28 19.13
C TYR B 192 -4.62 29.26 20.10
N GLY B 193 -5.11 28.03 20.05
CA GLY B 193 -4.64 27.02 21.00
C GLY B 193 -5.16 25.67 20.65
N ASN B 194 -4.60 24.67 21.32
CA ASN B 194 -5.07 23.31 21.15
C ASN B 194 -5.81 22.80 22.41
N ILE B 195 -6.01 21.50 22.50
CA ILE B 195 -6.74 20.90 23.63
C ILE B 195 -6.12 21.27 25.00
N SER B 196 -4.82 21.54 25.03
CA SER B 196 -4.10 21.90 26.28
C SER B 196 -4.62 23.16 26.98
N ARG B 197 -5.22 24.09 26.23
CA ARG B 197 -5.70 25.36 26.82
C ARG B 197 -6.83 25.10 27.80
N PHE B 198 -7.40 23.90 27.72
CA PHE B 198 -8.52 23.51 28.58
C PHE B 198 -8.15 22.71 29.82
N ILE B 199 -6.86 22.45 30.02
CA ILE B 199 -6.40 21.68 31.17
C ILE B 199 -6.34 22.55 32.43
N ASN B 200 -7.07 22.11 33.45
CA ASN B 200 -7.16 22.81 34.73
C ASN B 200 -5.95 22.61 35.64
N HIS B 201 -5.83 23.48 36.64
CA HIS B 201 -4.87 23.29 37.72
C HIS B 201 -5.35 22.23 38.71
N LEU B 202 -4.46 21.32 39.05
CA LEU B 202 -4.68 20.38 40.14
C LEU B 202 -3.57 20.48 41.18
N CYS B 203 -3.99 20.50 42.46
CA CYS B 203 -3.03 20.49 43.55
C CYS B 203 -2.41 19.12 43.74
N ASP B 204 -3.12 18.09 43.27
CA ASP B 204 -2.52 16.77 43.12
C ASP B 204 -2.45 16.44 41.62
N PRO B 205 -1.47 17.03 40.91
CA PRO B 205 -1.45 16.95 39.42
C PRO B 205 -1.11 15.55 38.91
N ASN B 206 -1.54 15.23 37.69
CA ASN B 206 -1.20 13.93 37.11
C ASN B 206 -0.43 14.01 35.78
N ILE B 207 -0.10 15.22 35.37
CA ILE B 207 0.79 15.48 34.22
C ILE B 207 1.83 16.55 34.57
N ILE B 208 2.97 16.50 33.89
CA ILE B 208 4.02 17.48 34.07
C ILE B 208 4.49 18.03 32.70
N PRO B 209 4.86 19.32 32.65
CA PRO B 209 5.44 19.89 31.44
C PRO B 209 6.94 19.66 31.33
N VAL B 210 7.37 19.33 30.11
CA VAL B 210 8.76 19.09 29.78
C VAL B 210 9.09 19.90 28.52
N ARG B 211 10.20 20.63 28.56
CA ARG B 211 10.70 21.39 27.42
C ARG B 211 11.41 20.48 26.39
N VAL B 212 11.02 20.64 25.14
CA VAL B 212 11.47 19.72 24.09
C VAL B 212 11.86 20.45 22.81
N PHE B 213 12.91 19.97 22.17
CA PHE B 213 13.35 20.44 20.86
C PHE B 213 13.21 19.32 19.83
N MET B 214 12.69 19.70 18.67
CA MET B 214 12.44 18.78 17.58
C MET B 214 13.05 19.32 16.27
N LEU B 215 12.30 20.10 15.50
CA LEU B 215 12.70 20.46 14.13
C LEU B 215 13.68 21.63 14.10
N HIS B 216 13.82 22.31 15.23
CA HIS B 216 14.81 23.37 15.38
C HIS B 216 15.37 23.27 16.80
N GLN B 217 16.49 23.95 17.03
CA GLN B 217 17.10 23.91 18.36
C GLN B 217 17.43 25.32 18.85
N ASP B 218 16.58 26.27 18.45
CA ASP B 218 16.61 27.64 18.97
C ASP B 218 16.12 27.62 20.43
N LEU B 219 17.05 27.83 21.35
CA LEU B 219 16.83 27.65 22.80
C LEU B 219 15.82 28.63 23.43
N ARG B 220 15.56 29.73 22.72
CA ARG B 220 14.52 30.70 23.08
C ARG B 220 13.11 30.13 22.91
N PHE B 221 12.99 29.07 22.11
CA PHE B 221 11.68 28.55 21.72
C PHE B 221 11.51 27.06 22.00
N PRO B 222 11.60 26.64 23.29
CA PRO B 222 11.32 25.25 23.58
C PRO B 222 9.82 25.00 23.38
N ARG B 223 9.48 23.75 23.06
CA ARG B 223 8.07 23.39 22.91
C ARG B 223 7.67 22.64 24.17
N ILE B 224 6.42 22.80 24.58
CA ILE B 224 6.01 22.28 25.89
C ILE B 224 5.22 20.98 25.79
N ALA B 225 5.78 19.91 26.32
CA ALA B 225 5.17 18.59 26.20
C ALA B 225 4.67 18.12 27.58
N PHE B 226 3.41 17.69 27.66
CA PHE B 226 2.86 17.12 28.87
C PHE B 226 2.96 15.59 28.86
N PHE B 227 3.53 15.04 29.92
CA PHE B 227 3.56 13.58 30.13
C PHE B 227 2.86 13.27 31.44
N SER B 228 2.18 12.13 31.53
CA SER B 228 1.62 11.66 32.80
C SER B 228 2.72 11.46 33.86
N SER B 229 2.45 11.90 35.08
CA SER B 229 3.40 11.80 36.17
C SER B 229 3.12 10.57 37.03
N ARG B 230 2.01 9.90 36.72
CA ARG B 230 1.58 8.64 37.36
C ARG B 230 0.54 7.97 36.49
N ASP B 231 0.18 6.72 36.82
CA ASP B 231 -0.88 6.01 36.14
C ASP B 231 -2.18 6.79 36.30
N ILE B 232 -2.89 6.98 35.19
CA ILE B 232 -4.12 7.78 35.16
C ILE B 232 -5.26 6.85 34.78
N ARG B 233 -6.36 6.91 35.52
CA ARG B 233 -7.49 6.03 35.30
C ARG B 233 -8.43 6.60 34.24
N THR B 234 -9.16 5.73 33.55
CA THR B 234 -10.22 6.17 32.66
C THR B 234 -11.18 7.13 33.40
N GLY B 235 -11.56 8.21 32.73
CA GLY B 235 -12.48 9.22 33.28
C GLY B 235 -11.85 10.24 34.21
N GLU B 236 -10.56 10.07 34.51
CA GLU B 236 -9.87 10.97 35.42
C GLU B 236 -9.51 12.30 34.72
N GLU B 237 -9.72 13.42 35.41
CA GLU B 237 -9.37 14.73 34.86
C GLU B 237 -7.86 14.95 34.86
N LEU B 238 -7.34 15.40 33.72
CA LEU B 238 -5.94 15.77 33.62
C LEU B 238 -5.71 17.16 34.21
N GLY B 239 -4.56 17.34 34.82
CA GLY B 239 -4.21 18.64 35.37
C GLY B 239 -2.75 18.73 35.74
N PHE B 240 -2.22 19.93 35.63
CA PHE B 240 -0.86 20.21 36.08
C PHE B 240 -0.86 21.32 37.12
N ASP B 241 0.28 21.48 37.79
CA ASP B 241 0.49 22.52 38.78
C ASP B 241 0.83 23.81 38.05
N TYR B 242 -0.11 24.75 38.03
CA TYR B 242 0.12 26.09 37.47
C TYR B 242 1.21 26.81 38.29
N GLY B 243 1.41 26.39 39.53
CA GLY B 243 2.42 26.97 40.41
C GLY B 243 1.95 28.12 41.30
N ASP B 244 2.73 28.39 42.34
CA ASP B 244 2.46 29.42 43.36
C ASP B 244 2.17 30.82 42.84
N ARG B 245 2.95 31.25 41.84
CA ARG B 245 2.89 32.59 41.28
C ARG B 245 1.55 32.90 40.61
N PHE B 246 0.94 31.89 39.99
CA PHE B 246 -0.40 32.04 39.42
C PHE B 246 -1.40 32.33 40.54
N TRP B 247 -1.31 31.54 41.61
CA TRP B 247 -2.27 31.58 42.70
C TRP B 247 -2.10 32.77 43.64
N ASP B 248 -0.91 33.36 43.66
CA ASP B 248 -0.66 34.59 44.43
C ASP B 248 -1.37 35.78 43.78
N ILE B 249 -1.54 35.72 42.46
CA ILE B 249 -2.19 36.77 41.69
C ILE B 249 -3.72 36.56 41.56
N LYS B 250 -4.12 35.30 41.44
CA LYS B 250 -5.52 34.98 41.12
C LYS B 250 -6.43 34.81 42.34
N SER B 251 -5.85 34.43 43.50
CA SER B 251 -6.65 34.04 44.68
C SER B 251 -7.60 35.12 45.19
N LYS B 252 -7.30 36.38 44.87
CA LYS B 252 -8.14 37.54 45.20
C LYS B 252 -9.46 37.51 44.44
N TYR B 253 -9.48 36.83 43.29
CA TYR B 253 -10.65 36.76 42.40
C TYR B 253 -11.35 35.41 42.43
N PHE B 254 -10.55 34.37 42.60
CA PHE B 254 -11.08 33.02 42.75
C PHE B 254 -10.02 32.12 43.39
N THR B 255 -10.47 31.09 44.09
CA THR B 255 -9.55 30.16 44.74
C THR B 255 -9.74 28.78 44.14
N CYS B 256 -8.86 27.86 44.51
CA CYS B 256 -8.81 26.54 43.89
C CYS B 256 -10.00 25.64 44.22
N GLN B 257 -10.56 25.01 43.19
CA GLN B 257 -11.70 24.11 43.31
C GLN B 257 -11.35 22.68 42.98
N CYS B 258 -10.07 22.33 43.09
CA CYS B 258 -9.63 20.98 42.70
C CYS B 258 -10.24 19.89 43.57
N GLY B 259 -10.60 20.24 44.81
CA GLY B 259 -11.31 19.32 45.69
C GLY B 259 -10.44 18.23 46.28
N SER B 260 -9.13 18.44 46.22
CA SER B 260 -8.19 17.51 46.79
C SER B 260 -8.17 17.66 48.30
N GLU B 261 -7.99 16.54 48.99
CA GLU B 261 -7.77 16.55 50.44
C GLU B 261 -6.54 17.38 50.78
N LYS B 262 -5.57 17.42 49.87
CA LYS B 262 -4.35 18.22 50.05
C LYS B 262 -4.30 19.46 49.15
N CYS B 263 -5.47 19.99 48.81
CA CYS B 263 -5.55 21.28 48.12
C CYS B 263 -4.85 22.35 48.93
N LYS B 264 -3.98 23.08 48.25
CA LYS B 264 -3.15 24.10 48.83
C LYS B 264 -3.58 25.52 48.44
N HIS B 265 -4.63 25.63 47.63
CA HIS B 265 -5.04 26.95 47.16
C HIS B 265 -6.54 27.23 47.31
N SER B 266 -7.25 26.42 48.08
CA SER B 266 -8.67 26.65 48.34
C SER B 266 -8.88 27.81 49.31
N ALA B 267 -10.12 28.31 49.34
CA ALA B 267 -10.55 29.28 50.34
C ALA B 267 -10.23 28.77 51.76
N GLU B 268 -10.52 27.49 52.01
CA GLU B 268 -10.24 26.86 53.32
C GLU B 268 -8.74 26.87 53.66
N ALA B 269 -7.90 26.41 52.72
CA ALA B 269 -6.45 26.41 52.90
C ALA B 269 -5.91 27.80 53.22
N ILE B 270 -6.36 28.80 52.46
CA ILE B 270 -5.92 30.18 52.65
C ILE B 270 -6.35 30.71 54.05
N ALA B 271 -7.61 30.46 54.42
CA ALA B 271 -8.14 30.87 55.72
C ALA B 271 -7.42 30.17 56.88
N LEU B 272 -7.12 28.89 56.71
CA LEU B 272 -6.36 28.13 57.72
C LEU B 272 -4.95 28.67 57.94
N GLU B 273 -4.25 29.01 56.85
CA GLU B 273 -2.89 29.54 56.99
C GLU B 273 -2.84 30.93 57.62
N GLN B 274 -3.77 31.79 57.22
CA GLN B 274 -3.91 33.11 57.82
C GLN B 274 -4.13 32.95 59.34
N SER B 275 -5.06 32.08 59.71
CA SER B 275 -5.31 31.78 61.13
C SER B 275 -4.08 31.24 61.86
N ARG B 276 -3.41 30.25 61.26
CA ARG B 276 -2.18 29.66 61.83
C ARG B 276 -1.11 30.72 62.10
N LEU B 277 -0.83 31.58 61.12
CA LEU B 277 0.17 32.63 61.26
C LEU B 277 -0.21 33.66 62.34
N ALA B 278 -1.50 33.92 62.48
CA ALA B 278 -2.01 34.82 63.53
C ALA B 278 -1.74 34.23 64.90
N ARG B 279 -2.03 32.93 65.06
CA ARG B 279 -1.90 32.25 66.34
C ARG B 279 -0.46 32.18 66.85
N LEU B 280 0.48 31.99 65.94
CA LEU B 280 1.89 31.81 66.32
C LEU B 280 2.65 33.13 66.38
N ILE C 10 20.08 -2.69 -3.51
CA ILE C 10 18.71 -2.22 -3.12
C ILE C 10 18.74 -1.46 -1.77
N CYS C 11 17.78 -0.55 -1.61
CA CYS C 11 17.50 0.13 -0.35
C CYS C 11 15.97 0.00 -0.21
N ARG C 12 15.47 -0.36 0.97
CA ARG C 12 14.02 -0.47 1.15
C ARG C 12 13.31 0.91 1.13
N ASP C 13 14.00 1.94 1.60
CA ASP C 13 13.34 3.26 1.67
C ASP C 13 14.35 4.39 1.73
N VAL C 14 14.55 5.04 0.59
CA VAL C 14 15.48 6.18 0.57
C VAL C 14 15.02 7.35 1.46
N ALA C 15 13.71 7.40 1.72
CA ALA C 15 13.11 8.43 2.57
C ALA C 15 13.21 8.16 4.09
N ARG C 16 13.74 6.99 4.48
CA ARG C 16 13.94 6.67 5.90
C ARG C 16 12.64 6.86 6.72
N GLY C 17 11.50 6.47 6.15
CA GLY C 17 10.21 6.52 6.85
C GLY C 17 9.55 7.89 6.97
N TYR C 18 10.14 8.91 6.34
CA TYR C 18 9.54 10.26 6.40
C TYR C 18 8.32 10.47 5.51
N GLU C 19 8.10 9.61 4.51
CA GLU C 19 6.95 9.79 3.61
C GLU C 19 5.80 8.85 4.00
N ASN C 20 4.62 9.03 3.40
CA ASN C 20 3.49 8.16 3.73
C ASN C 20 3.74 6.73 3.31
N VAL C 21 4.61 6.56 2.30
CA VAL C 21 4.90 5.27 1.67
C VAL C 21 6.42 5.18 1.54
N PRO C 22 6.98 3.95 1.49
CA PRO C 22 8.44 3.83 1.27
C PRO C 22 8.78 4.18 -0.17
N ILE C 23 10.04 4.56 -0.40
CA ILE C 23 10.51 4.77 -1.77
C ILE C 23 11.77 3.94 -1.92
N PRO C 24 11.61 2.69 -2.38
CA PRO C 24 12.74 1.79 -2.52
C PRO C 24 13.66 2.20 -3.69
N CYS C 25 14.90 1.73 -3.62
CA CYS C 25 15.87 1.86 -4.71
C CYS C 25 16.33 0.48 -5.21
N VAL C 26 16.43 0.35 -6.53
CA VAL C 26 16.96 -0.86 -7.17
C VAL C 26 17.91 -0.44 -8.27
N ASN C 27 18.83 -1.33 -8.64
CA ASN C 27 19.69 -1.09 -9.80
C ASN C 27 19.84 -2.44 -10.55
N GLY C 28 19.13 -2.57 -11.65
CA GLY C 28 19.28 -3.78 -12.48
C GLY C 28 20.09 -3.53 -13.73
N VAL C 29 20.90 -2.47 -13.72
CA VAL C 29 21.61 -2.00 -14.94
C VAL C 29 23.13 -2.07 -14.80
N ASP C 30 23.66 -1.59 -13.68
CA ASP C 30 25.10 -1.54 -13.49
C ASP C 30 25.51 -1.74 -12.03
N GLY C 31 26.79 -1.57 -11.71
CA GLY C 31 27.26 -1.76 -10.35
C GLY C 31 27.20 -0.56 -9.41
N GLU C 32 26.54 0.52 -9.83
CA GLU C 32 26.49 1.77 -9.02
C GLU C 32 25.65 1.57 -7.73
N PRO C 33 26.22 1.90 -6.54
CA PRO C 33 25.48 1.71 -5.29
C PRO C 33 24.36 2.77 -5.16
N CYS C 34 23.33 2.51 -4.36
CA CYS C 34 22.26 3.51 -4.16
C CYS C 34 22.87 4.88 -3.81
N PRO C 35 22.37 5.96 -4.43
CA PRO C 35 23.06 7.25 -4.22
C PRO C 35 23.02 7.71 -2.78
N GLU C 36 24.16 8.19 -2.30
CA GLU C 36 24.31 8.64 -0.91
C GLU C 36 24.97 10.03 -0.79
N ASP C 37 25.20 10.69 -1.90
CA ASP C 37 25.92 11.98 -1.93
C ASP C 37 24.97 13.19 -1.76
N TYR C 38 23.98 13.02 -0.90
CA TYR C 38 23.01 14.07 -0.58
C TYR C 38 22.31 13.65 0.70
N LYS C 39 21.54 14.55 1.27
CA LYS C 39 20.78 14.26 2.47
C LYS C 39 19.30 14.28 2.10
N TYR C 40 18.61 13.15 2.23
CA TYR C 40 17.18 13.09 1.95
C TYR C 40 16.42 13.88 3.00
N ILE C 41 15.59 14.82 2.55
CA ILE C 41 14.69 15.55 3.42
C ILE C 41 13.30 15.53 2.76
N SER C 42 12.26 15.40 3.57
CA SER C 42 10.88 15.31 3.04
C SER C 42 10.21 16.70 2.89
N GLU C 43 10.77 17.73 3.53
CA GLU C 43 10.24 19.10 3.44
C GLU C 43 11.37 20.09 3.21
N ASN C 44 11.06 21.22 2.57
CA ASN C 44 12.11 22.19 2.22
C ASN C 44 12.89 22.65 3.43
N CYS C 45 14.18 22.93 3.22
CA CYS C 45 15.02 23.43 4.31
C CYS C 45 15.64 24.78 3.96
N GLU C 46 16.25 25.38 4.97
CA GLU C 46 17.00 26.62 4.80
C GLU C 46 18.37 26.42 5.39
N THR C 47 19.35 27.04 4.76
CA THR C 47 20.61 27.25 5.45
C THR C 47 20.57 28.75 5.85
N SER C 48 20.96 29.64 4.95
CA SER C 48 20.80 31.09 5.18
C SER C 48 19.35 31.46 5.50
N THR C 49 19.16 32.42 6.38
CA THR C 49 17.81 32.87 6.76
C THR C 49 16.96 33.30 5.56
N MET C 50 15.73 32.80 5.48
CA MET C 50 14.83 33.13 4.36
C MET C 50 13.79 34.23 4.68
N ASN C 51 13.47 34.40 5.95
CA ASN C 51 12.46 35.39 6.41
C ASN C 51 11.09 35.21 5.78
N ILE C 52 10.68 33.96 5.64
CA ILE C 52 9.34 33.68 5.15
C ILE C 52 8.29 34.27 6.11
N ASP C 53 7.31 34.95 5.53
CA ASP C 53 6.21 35.50 6.33
C ASP C 53 5.30 34.38 6.81
N ARG C 54 5.40 34.05 8.09
CA ARG C 54 4.61 32.98 8.69
C ARG C 54 3.45 33.45 9.57
N ASN C 55 3.17 34.74 9.54
CA ASN C 55 2.08 35.34 10.34
C ASN C 55 0.73 34.73 9.99
N ILE C 56 0.11 34.05 10.95
CA ILE C 56 -1.18 33.38 10.76
C ILE C 56 -2.27 34.37 10.29
N THR C 57 -2.19 35.63 10.75
CA THR C 57 -3.17 36.65 10.36
C THR C 57 -3.01 37.17 8.92
N HIS C 58 -1.88 36.87 8.29
CA HIS C 58 -1.69 37.18 6.89
C HIS C 58 -2.19 36.08 5.94
N LEU C 59 -2.74 34.99 6.47
CA LEU C 59 -3.33 33.98 5.58
C LEU C 59 -4.72 34.38 5.12
N GLN C 60 -4.99 34.36 3.82
CA GLN C 60 -6.37 34.40 3.33
C GLN C 60 -6.90 33.00 3.53
N HIS C 61 -8.18 32.90 3.91
CA HIS C 61 -8.69 31.58 4.34
C HIS C 61 -10.17 31.53 4.18
N CYS C 62 -10.75 30.33 4.15
CA CYS C 62 -12.18 30.21 3.92
C CYS C 62 -12.98 30.05 5.23
N THR C 63 -14.29 30.21 5.13
CA THR C 63 -15.24 30.08 6.25
C THR C 63 -16.17 28.90 6.06
N CYS C 64 -15.85 28.05 5.08
CA CYS C 64 -16.63 26.85 4.79
C CYS C 64 -16.87 25.96 6.01
N VAL C 65 -18.10 25.49 6.16
CA VAL C 65 -18.42 24.44 7.15
C VAL C 65 -18.80 23.10 6.52
N ASP C 66 -18.60 23.01 5.20
CA ASP C 66 -18.71 21.74 4.49
C ASP C 66 -17.27 21.20 4.26
N ASP C 67 -17.09 20.43 3.19
CA ASP C 67 -15.79 19.83 2.87
C ASP C 67 -15.02 20.62 1.79
N CYS C 68 -15.37 21.89 1.64
CA CYS C 68 -14.78 22.80 0.64
C CYS C 68 -14.93 22.29 -0.80
N SER C 69 -16.06 21.62 -1.07
CA SER C 69 -16.36 21.14 -2.42
C SER C 69 -17.21 22.17 -3.22
N SER C 70 -17.68 23.21 -2.55
CA SER C 70 -18.50 24.20 -3.23
C SER C 70 -17.65 25.28 -3.90
N SER C 71 -18.21 25.90 -4.94
CA SER C 71 -17.52 26.97 -5.65
C SER C 71 -17.36 28.27 -4.82
N ASN C 72 -18.08 28.36 -3.70
CA ASN C 72 -17.94 29.48 -2.77
C ASN C 72 -16.70 29.46 -1.88
N CYS C 73 -16.00 28.34 -1.84
CA CYS C 73 -14.80 28.26 -0.99
C CYS C 73 -13.82 29.37 -1.40
N LEU C 74 -13.46 30.27 -0.48
CA LEU C 74 -12.54 31.36 -0.79
C LEU C 74 -11.21 30.84 -1.31
N CYS C 75 -10.72 29.74 -0.74
CA CYS C 75 -9.41 29.19 -1.12
C CYS C 75 -9.43 28.66 -2.56
N GLY C 76 -10.53 27.98 -2.93
CA GLY C 76 -10.86 27.70 -4.33
C GLY C 76 -10.86 28.94 -5.22
N GLN C 77 -11.51 30.02 -4.77
CA GLN C 77 -11.58 31.22 -5.61
C GLN C 77 -10.20 31.87 -5.74
N LEU C 78 -9.40 31.82 -4.68
CA LEU C 78 -8.03 32.33 -4.73
C LEU C 78 -7.24 31.59 -5.82
N SER C 79 -7.55 30.29 -5.99
CA SER C 79 -6.91 29.43 -6.98
C SER C 79 -7.51 29.58 -8.38
N ILE C 80 -8.34 30.59 -8.60
CA ILE C 80 -9.30 30.72 -9.74
C ILE C 80 -10.54 29.84 -9.58
N ARG C 81 -10.34 28.52 -9.49
CA ARG C 81 -11.32 27.62 -8.88
C ARG C 81 -10.54 26.53 -8.16
N CYS C 82 -11.17 25.77 -7.27
CA CYS C 82 -10.52 24.54 -6.81
C CYS C 82 -10.39 23.58 -8.01
N TRP C 83 -9.16 23.16 -8.29
CA TRP C 83 -8.89 22.30 -9.45
C TRP C 83 -8.96 20.81 -9.12
N TYR C 84 -9.25 20.50 -7.85
CA TYR C 84 -9.25 19.13 -7.43
C TYR C 84 -10.65 18.54 -7.58
N ASP C 85 -10.74 17.34 -8.15
CA ASP C 85 -12.00 16.60 -8.18
C ASP C 85 -12.25 15.89 -6.85
N LYS C 86 -13.31 15.10 -6.76
CA LYS C 86 -13.67 14.49 -5.48
C LYS C 86 -12.61 13.51 -4.96
N ASP C 87 -11.75 13.04 -5.86
CA ASP C 87 -10.72 12.08 -5.53
C ASP C 87 -9.34 12.74 -5.37
N GLY C 88 -9.29 14.07 -5.40
CA GLY C 88 -8.00 14.78 -5.24
C GLY C 88 -7.16 14.94 -6.52
N ARG C 89 -7.76 14.71 -7.68
CA ARG C 89 -7.06 14.83 -8.98
C ARG C 89 -7.41 16.13 -9.71
N LEU C 90 -6.43 16.71 -10.38
CA LEU C 90 -6.64 17.86 -11.22
C LEU C 90 -7.73 17.54 -12.25
N LEU C 91 -8.64 18.51 -12.40
CA LEU C 91 -9.69 18.45 -13.40
C LEU C 91 -9.07 18.35 -14.80
N GLN C 92 -9.79 17.69 -15.69
CA GLN C 92 -9.31 17.39 -17.03
C GLN C 92 -8.97 18.66 -17.82
N GLU C 93 -9.68 19.75 -17.53
CA GLU C 93 -9.48 21.02 -18.23
C GLU C 93 -8.41 21.92 -17.60
N PHE C 94 -7.69 21.40 -16.59
CA PHE C 94 -6.61 22.12 -15.92
C PHE C 94 -5.56 22.52 -16.95
N ASN C 95 -5.18 23.79 -16.93
CA ASN C 95 -4.22 24.29 -17.88
C ASN C 95 -2.81 23.72 -17.60
N LYS C 96 -2.45 22.70 -18.38
CA LYS C 96 -1.21 21.94 -18.17
C LYS C 96 0.02 22.63 -18.75
N ILE C 97 -0.21 23.71 -19.52
CA ILE C 97 0.88 24.47 -20.14
C ILE C 97 1.27 25.71 -19.33
N GLU C 98 0.27 26.47 -18.87
CA GLU C 98 0.47 27.62 -17.99
C GLU C 98 -0.42 27.46 -16.75
N PRO C 99 0.00 26.58 -15.82
CA PRO C 99 -0.85 26.26 -14.67
C PRO C 99 -1.11 27.47 -13.76
N PRO C 100 -2.34 27.57 -13.18
CA PRO C 100 -2.63 28.61 -12.20
C PRO C 100 -1.94 28.32 -10.87
N LEU C 101 -1.82 29.33 -10.03
CA LEU C 101 -1.34 29.17 -8.67
C LEU C 101 -2.43 28.47 -7.86
N ILE C 102 -2.09 27.40 -7.16
CA ILE C 102 -3.04 26.73 -6.26
C ILE C 102 -2.87 27.22 -4.82
N PHE C 103 -3.97 27.64 -4.19
CA PHE C 103 -3.99 27.96 -2.77
C PHE C 103 -4.80 26.88 -2.09
N GLU C 104 -4.11 26.02 -1.34
CA GLU C 104 -4.80 25.01 -0.53
C GLU C 104 -5.35 25.60 0.78
N CYS C 105 -6.27 24.85 1.41
CA CYS C 105 -6.74 25.29 2.72
C CYS C 105 -5.63 25.20 3.75
N ASN C 106 -5.78 26.00 4.79
CA ASN C 106 -4.73 26.14 5.77
C ASN C 106 -5.27 26.16 7.22
N GLN C 107 -4.36 26.31 8.17
CA GLN C 107 -4.68 26.31 9.60
C GLN C 107 -5.58 27.50 10.05
N ALA C 108 -5.68 28.56 9.25
CA ALA C 108 -6.66 29.63 9.53
C ALA C 108 -8.09 29.31 9.03
N CYS C 109 -8.23 28.43 8.04
CA CYS C 109 -9.57 28.10 7.54
C CYS C 109 -10.46 27.42 8.60
N SER C 110 -11.78 27.55 8.43
CA SER C 110 -12.71 26.96 9.37
C SER C 110 -12.98 25.47 9.11
N CYS C 111 -12.58 24.99 7.93
CA CYS C 111 -12.84 23.60 7.53
C CYS C 111 -11.97 22.61 8.28
N TRP C 112 -12.29 21.35 8.08
CA TRP C 112 -11.51 20.24 8.66
C TRP C 112 -10.25 19.90 7.87
N ARG C 113 -9.30 19.27 8.56
CA ARG C 113 -8.04 18.87 7.91
C ARG C 113 -8.25 17.89 6.73
N ASN C 114 -9.43 17.25 6.66
CA ASN C 114 -9.70 16.33 5.54
C ASN C 114 -10.60 16.88 4.42
N CYS C 115 -10.66 18.21 4.30
CA CYS C 115 -11.47 18.85 3.27
C CYS C 115 -10.88 18.55 1.89
N LYS C 116 -11.60 18.91 0.83
CA LYS C 116 -11.21 18.54 -0.55
C LYS C 116 -10.11 19.43 -1.14
N ASN C 117 -9.67 20.44 -0.38
CA ASN C 117 -8.64 21.36 -0.87
C ASN C 117 -7.32 21.27 -0.12
N ARG C 118 -6.87 20.02 0.09
CA ARG C 118 -5.64 19.74 0.85
C ARG C 118 -4.75 18.61 0.26
N VAL C 119 -4.72 18.50 -1.06
CA VAL C 119 -4.01 17.37 -1.72
C VAL C 119 -2.48 17.39 -1.51
N VAL C 120 -1.85 18.50 -1.87
CA VAL C 120 -0.38 18.58 -1.76
C VAL C 120 0.07 18.46 -0.30
N GLN C 121 -0.62 19.13 0.62
CA GLN C 121 -0.18 19.11 2.03
C GLN C 121 -0.30 17.74 2.70
N SER C 122 -1.07 16.85 2.08
CA SER C 122 -1.28 15.47 2.55
C SER C 122 -0.18 14.46 2.14
N GLY C 123 0.71 14.88 1.24
CA GLY C 123 1.95 14.14 0.98
C GLY C 123 1.80 13.03 -0.07
N ILE C 124 2.85 12.22 -0.19
CA ILE C 124 2.93 11.24 -1.27
C ILE C 124 1.97 10.09 -0.96
N LYS C 125 1.16 9.73 -1.96
CA LYS C 125 0.23 8.59 -1.84
C LYS C 125 0.55 7.45 -2.81
N VAL C 126 1.24 7.72 -3.90
CA VAL C 126 1.55 6.68 -4.90
C VAL C 126 2.88 5.99 -4.60
N ARG C 127 2.97 4.73 -5.01
CA ARG C 127 4.21 3.97 -4.83
C ARG C 127 5.14 4.25 -6.01
N LEU C 128 6.33 4.77 -5.67
CA LEU C 128 7.38 5.13 -6.64
C LEU C 128 8.63 4.34 -6.32
N GLN C 129 9.57 4.35 -7.26
CA GLN C 129 10.80 3.60 -7.08
C GLN C 129 11.94 4.40 -7.72
N LEU C 130 13.00 4.56 -6.95
CA LEU C 130 14.25 5.10 -7.50
C LEU C 130 14.94 3.94 -8.19
N TYR C 131 15.31 4.13 -9.47
CA TYR C 131 15.93 3.03 -10.20
C TYR C 131 17.04 3.51 -11.14
N ARG C 132 17.91 2.59 -11.52
CA ARG C 132 18.98 2.92 -12.47
C ARG C 132 18.46 2.81 -13.89
N THR C 133 18.47 3.94 -14.62
CA THR C 133 18.07 3.99 -16.04
C THR C 133 19.22 3.42 -16.91
N ALA C 134 18.91 3.10 -18.15
CA ALA C 134 19.92 2.64 -19.11
C ALA C 134 20.95 3.71 -19.50
N LYS C 135 20.52 4.96 -19.70
CA LYS C 135 21.38 6.02 -20.30
C LYS C 135 21.42 7.38 -19.57
N MET C 136 20.63 7.52 -18.51
CA MET C 136 20.44 8.82 -17.89
C MET C 136 20.77 8.88 -16.39
N GLY C 137 21.50 7.88 -15.87
CA GLY C 137 21.80 7.82 -14.44
C GLY C 137 20.59 7.27 -13.69
N TRP C 138 20.35 7.84 -12.51
CA TRP C 138 19.20 7.45 -11.68
C TRP C 138 17.95 8.11 -12.24
N GLY C 139 16.80 7.47 -12.04
CA GLY C 139 15.53 8.04 -12.45
C GLY C 139 14.43 7.57 -11.48
N VAL C 140 13.22 8.06 -11.68
CA VAL C 140 12.14 7.66 -10.79
C VAL C 140 11.06 7.05 -11.66
N ARG C 141 10.47 5.92 -11.22
CA ARG C 141 9.38 5.32 -12.02
C ARG C 141 8.20 4.91 -11.12
N ALA C 142 7.03 4.79 -11.75
CA ALA C 142 5.77 4.41 -11.09
C ALA C 142 5.78 2.92 -10.76
N LEU C 143 5.41 2.56 -9.53
CA LEU C 143 5.19 1.16 -9.17
C LEU C 143 3.72 0.73 -9.22
N GLN C 144 2.88 1.63 -9.68
CA GLN C 144 1.45 1.34 -9.85
C GLN C 144 0.89 2.24 -10.94
N THR C 145 -0.30 1.94 -11.42
CA THR C 145 -0.94 2.81 -12.42
C THR C 145 -1.34 4.13 -11.73
N ILE C 146 -1.13 5.23 -12.45
CA ILE C 146 -1.45 6.53 -11.88
C ILE C 146 -2.32 7.31 -12.87
N PRO C 147 -3.61 7.54 -12.53
CA PRO C 147 -4.50 8.37 -13.36
C PRO C 147 -3.99 9.78 -13.61
N GLN C 148 -4.31 10.32 -14.79
CA GLN C 148 -4.11 11.75 -15.06
C GLN C 148 -4.62 12.63 -13.88
N GLY C 149 -3.82 13.62 -13.53
CA GLY C 149 -4.15 14.61 -12.53
C GLY C 149 -3.76 14.26 -11.10
N THR C 150 -3.07 13.13 -10.90
CA THR C 150 -2.77 12.67 -9.55
C THR C 150 -1.55 13.42 -9.03
N PHE C 151 -1.58 13.86 -7.77
CA PHE C 151 -0.40 14.43 -7.13
C PHE C 151 0.63 13.31 -6.96
N ILE C 152 1.86 13.59 -7.42
CA ILE C 152 2.95 12.60 -7.33
C ILE C 152 3.89 12.89 -6.17
N CYS C 153 4.55 14.04 -6.22
CA CYS C 153 5.46 14.42 -5.15
C CYS C 153 5.79 15.91 -5.27
N GLU C 154 6.41 16.45 -4.24
CA GLU C 154 6.84 17.86 -4.25
C GLU C 154 8.32 17.96 -4.63
N TYR C 155 8.73 19.03 -5.32
CA TYR C 155 10.16 19.28 -5.55
C TYR C 155 10.71 19.94 -4.28
N VAL C 156 11.41 19.15 -3.50
CA VAL C 156 11.91 19.57 -2.20
C VAL C 156 13.46 19.71 -2.19
N GLY C 157 13.93 20.71 -1.45
CA GLY C 157 15.34 20.94 -1.28
C GLY C 157 15.64 22.15 -0.41
N GLU C 158 16.81 22.71 -0.67
CA GLU C 158 17.30 23.87 0.03
C GLU C 158 16.82 25.16 -0.65
N LEU C 159 16.10 26.00 0.08
CA LEU C 159 15.64 27.27 -0.43
C LEU C 159 16.82 28.21 -0.47
N ILE C 160 17.10 28.77 -1.63
CA ILE C 160 18.22 29.71 -1.79
C ILE C 160 17.85 30.91 -2.66
N SER C 161 18.55 32.03 -2.48
CA SER C 161 18.31 33.17 -3.35
C SER C 161 18.94 32.95 -4.73
N ASP C 162 18.49 33.71 -5.72
CA ASP C 162 19.10 33.66 -7.04
C ASP C 162 20.59 34.03 -6.95
N ALA C 163 20.93 35.00 -6.10
CA ALA C 163 22.34 35.40 -5.90
C ALA C 163 23.20 34.23 -5.40
N GLU C 164 22.67 33.43 -4.47
CA GLU C 164 23.34 32.22 -4.01
C GLU C 164 23.48 31.20 -5.14
N ALA C 165 22.45 31.07 -5.97
CA ALA C 165 22.53 30.22 -7.17
C ALA C 165 23.70 30.66 -8.08
N ASP C 166 23.96 31.96 -8.16
CA ASP C 166 25.01 32.52 -9.05
C ASP C 166 26.44 32.13 -8.64
N VAL C 167 26.62 31.67 -7.41
CA VAL C 167 27.93 31.31 -6.90
C VAL C 167 28.17 29.79 -6.86
N ARG C 168 27.08 29.00 -7.00
CA ARG C 168 27.18 27.54 -6.82
C ARG C 168 27.64 26.82 -8.07
N GLU C 169 28.46 25.80 -7.86
CA GLU C 169 29.18 25.11 -8.92
C GLU C 169 28.24 24.29 -9.80
N ASP C 170 27.32 23.56 -9.17
CA ASP C 170 26.48 22.59 -9.84
C ASP C 170 25.04 23.07 -9.85
N ASP C 171 24.48 23.31 -11.03
CA ASP C 171 23.07 23.71 -11.13
C ASP C 171 22.16 22.55 -11.57
N SER C 172 22.72 21.34 -11.55
CA SER C 172 22.02 20.15 -12.04
C SER C 172 20.73 19.83 -11.27
N TYR C 173 20.62 20.31 -10.04
CA TYR C 173 19.44 19.99 -9.19
C TYR C 173 18.70 21.28 -8.78
N LEU C 174 18.82 22.29 -9.62
CA LEU C 174 18.25 23.58 -9.31
C LEU C 174 16.88 23.72 -9.95
N PHE C 175 15.90 24.12 -9.15
CA PHE C 175 14.55 24.42 -9.66
C PHE C 175 14.19 25.89 -9.38
N ASP C 176 13.95 26.67 -10.44
CA ASP C 176 13.54 28.09 -10.32
C ASP C 176 12.08 28.23 -9.92
N LEU C 177 11.83 29.05 -8.91
CA LEU C 177 10.46 29.33 -8.45
C LEU C 177 9.78 30.37 -9.35
N GLU C 183 11.16 39.25 -6.46
CA GLU C 183 12.29 38.81 -5.64
C GLU C 183 12.53 37.32 -5.90
N VAL C 184 13.70 36.96 -6.45
CA VAL C 184 13.92 35.63 -7.07
C VAL C 184 14.55 34.55 -6.16
N TYR C 185 13.81 33.46 -5.95
CA TYR C 185 14.33 32.30 -5.21
C TYR C 185 14.30 31.00 -6.01
N CYS C 186 15.07 30.01 -5.54
CA CYS C 186 15.18 28.69 -6.18
C CYS C 186 15.19 27.61 -5.11
N ILE C 187 14.92 26.38 -5.54
CA ILE C 187 15.11 25.23 -4.66
C ILE C 187 16.30 24.45 -5.23
N ASP C 188 17.37 24.36 -4.46
CA ASP C 188 18.55 23.59 -4.87
C ASP C 188 18.52 22.26 -4.14
N ALA C 189 18.36 21.18 -4.89
CA ALA C 189 18.31 19.84 -4.29
C ALA C 189 19.64 19.10 -4.37
N ARG C 190 20.73 19.82 -4.70
CA ARG C 190 22.03 19.13 -4.78
C ARG C 190 22.49 18.50 -3.46
N TYR C 191 22.45 19.26 -2.36
CA TYR C 191 22.94 18.77 -1.07
C TYR C 191 21.84 18.20 -0.18
N TYR C 192 20.65 18.81 -0.25
CA TYR C 192 19.46 18.34 0.48
C TYR C 192 18.31 18.23 -0.50
N GLY C 193 17.62 17.09 -0.50
CA GLY C 193 16.55 16.93 -1.48
C GLY C 193 15.68 15.73 -1.17
N ASN C 194 14.55 15.63 -1.87
CA ASN C 194 13.73 14.42 -1.77
C ASN C 194 13.78 13.61 -3.06
N ILE C 195 12.83 12.68 -3.25
CA ILE C 195 12.81 11.82 -4.46
C ILE C 195 12.79 12.60 -5.80
N SER C 196 12.27 13.82 -5.79
N SER C 196 12.27 13.82 -5.79
CA SER C 196 12.11 14.63 -7.01
CA SER C 196 12.12 14.60 -7.04
C SER C 196 13.44 15.04 -7.65
C SER C 196 13.44 15.01 -7.67
N ARG C 197 14.50 15.04 -6.85
CA ARG C 197 15.84 15.39 -7.36
C ARG C 197 16.33 14.40 -8.42
N PHE C 198 15.73 13.19 -8.41
CA PHE C 198 16.11 12.15 -9.35
C PHE C 198 15.27 12.07 -10.61
N ILE C 199 14.31 12.98 -10.78
CA ILE C 199 13.39 12.94 -11.92
C ILE C 199 14.06 13.56 -13.15
N ASN C 200 14.13 12.77 -14.22
CA ASN C 200 14.78 13.17 -15.50
C ASN C 200 13.90 14.03 -16.40
N HIS C 201 14.53 14.66 -17.40
CA HIS C 201 13.83 15.35 -18.45
C HIS C 201 13.27 14.33 -19.42
N LEU C 202 12.01 14.51 -19.77
CA LEU C 202 11.43 13.75 -20.87
C LEU C 202 10.83 14.69 -21.88
N CYS C 203 11.07 14.37 -23.16
CA CYS C 203 10.52 15.14 -24.28
C CYS C 203 9.05 14.77 -24.51
N ASP C 204 8.65 13.62 -23.97
CA ASP C 204 7.24 13.25 -23.91
C ASP C 204 6.91 13.15 -22.41
N PRO C 205 6.74 14.31 -21.73
CA PRO C 205 6.63 14.25 -20.26
C PRO C 205 5.28 13.75 -19.76
N ASN C 206 5.28 13.19 -18.55
CA ASN C 206 4.02 12.68 -17.99
C ASN C 206 3.69 13.36 -16.67
N ILE C 207 4.53 14.30 -16.26
CA ILE C 207 4.22 15.13 -15.07
C ILE C 207 4.47 16.61 -15.33
N ILE C 208 3.74 17.47 -14.61
CA ILE C 208 3.90 18.93 -14.69
C ILE C 208 4.10 19.52 -13.32
N PRO C 209 4.97 20.54 -13.21
CA PRO C 209 5.09 21.27 -11.98
C PRO C 209 4.00 22.33 -11.86
N VAL C 210 3.50 22.46 -10.63
CA VAL C 210 2.51 23.47 -10.26
C VAL C 210 2.96 24.18 -8.99
N ARG C 211 2.83 25.52 -8.99
CA ARG C 211 3.15 26.32 -7.81
C ARG C 211 1.96 26.31 -6.85
N VAL C 212 2.25 26.01 -5.59
CA VAL C 212 1.21 25.81 -4.59
C VAL C 212 1.53 26.51 -3.28
N PHE C 213 0.50 27.02 -2.60
CA PHE C 213 0.62 27.64 -1.27
C PHE C 213 -0.22 26.86 -0.29
N MET C 214 0.34 26.57 0.88
CA MET C 214 -0.33 25.75 1.90
C MET C 214 -0.28 26.47 3.24
N LEU C 215 0.80 26.28 4.01
CA LEU C 215 0.83 26.77 5.38
C LEU C 215 1.24 28.25 5.54
N HIS C 216 1.72 28.84 4.46
CA HIS C 216 2.03 30.27 4.42
C HIS C 216 1.62 30.78 3.06
N GLN C 217 1.39 32.09 2.93
CA GLN C 217 1.12 32.60 1.59
C GLN C 217 2.10 33.72 1.20
N ASP C 218 3.36 33.51 1.57
CA ASP C 218 4.46 34.42 1.17
C ASP C 218 4.74 34.10 -0.29
N LEU C 219 4.32 34.98 -1.19
CA LEU C 219 4.37 34.71 -2.64
C LEU C 219 5.77 34.60 -3.23
N ARG C 220 6.80 34.96 -2.44
CA ARG C 220 8.19 34.73 -2.86
C ARG C 220 8.55 33.25 -2.83
N PHE C 221 7.74 32.45 -2.14
CA PHE C 221 8.10 31.08 -1.85
C PHE C 221 6.99 30.09 -2.15
N PRO C 222 6.61 29.96 -3.44
CA PRO C 222 5.66 28.93 -3.77
C PRO C 222 6.35 27.58 -3.57
N ARG C 223 5.57 26.56 -3.27
CA ARG C 223 6.13 25.21 -3.26
C ARG C 223 5.81 24.53 -4.58
N ILE C 224 6.63 23.58 -4.99
CA ILE C 224 6.47 23.03 -6.34
C ILE C 224 5.86 21.61 -6.26
N ALA C 225 4.66 21.45 -6.81
CA ALA C 225 4.00 20.12 -6.78
C ALA C 225 3.98 19.52 -8.18
N PHE C 226 4.39 18.27 -8.30
CA PHE C 226 4.26 17.55 -9.53
C PHE C 226 2.95 16.74 -9.55
N PHE C 227 2.17 16.92 -10.63
CA PHE C 227 0.94 16.13 -10.89
C PHE C 227 1.11 15.43 -12.23
N SER C 228 0.58 14.21 -12.34
CA SER C 228 0.55 13.53 -13.67
C SER C 228 -0.25 14.31 -14.70
N SER C 229 0.28 14.35 -15.92
CA SER C 229 -0.40 15.09 -17.01
C SER C 229 -1.15 14.13 -17.96
N ARG C 230 -0.98 12.84 -17.72
CA ARG C 230 -1.72 11.79 -18.40
C ARG C 230 -1.71 10.55 -17.51
N ASP C 231 -2.50 9.55 -17.88
CA ASP C 231 -2.44 8.25 -17.21
C ASP C 231 -1.04 7.67 -17.34
N ILE C 232 -0.48 7.23 -16.22
CA ILE C 232 0.86 6.64 -16.19
C ILE C 232 0.74 5.13 -15.89
N ARG C 233 1.49 4.31 -16.62
CA ARG C 233 1.43 2.86 -16.43
C ARG C 233 2.52 2.43 -15.47
N THR C 234 2.27 1.34 -14.75
CA THR C 234 3.29 0.73 -13.91
C THR C 234 4.58 0.52 -14.68
N GLY C 235 5.69 0.93 -14.06
CA GLY C 235 7.02 0.75 -14.62
C GLY C 235 7.46 1.94 -15.45
N GLU C 236 6.55 2.86 -15.77
CA GLU C 236 6.92 4.01 -16.60
C GLU C 236 7.77 4.98 -15.83
N GLU C 237 8.84 5.46 -16.47
CA GLU C 237 9.62 6.53 -15.91
C GLU C 237 8.85 7.86 -15.83
N LEU C 238 8.98 8.52 -14.68
CA LEU C 238 8.43 9.87 -14.52
C LEU C 238 9.38 10.90 -15.08
N GLY C 239 8.83 11.93 -15.70
CA GLY C 239 9.65 13.00 -16.27
C GLY C 239 8.85 14.23 -16.58
N PHE C 240 9.51 15.37 -16.43
CA PHE C 240 8.89 16.63 -16.79
C PHE C 240 9.78 17.32 -17.84
N ASP C 241 9.25 18.36 -18.51
CA ASP C 241 10.02 19.12 -19.49
C ASP C 241 10.89 20.15 -18.74
N TYR C 242 12.20 19.99 -18.82
CA TYR C 242 13.14 20.93 -18.18
C TYR C 242 13.07 22.28 -18.90
N GLY C 243 12.62 22.25 -20.16
CA GLY C 243 12.43 23.48 -20.90
C GLY C 243 13.53 23.72 -21.92
N ASP C 244 13.21 24.47 -22.97
CA ASP C 244 14.14 24.71 -24.08
C ASP C 244 15.39 25.49 -23.63
N ARG C 245 15.19 26.38 -22.65
CA ARG C 245 16.28 27.19 -22.06
C ARG C 245 17.39 26.32 -21.46
N PHE C 246 16.98 25.38 -20.60
CA PHE C 246 17.90 24.36 -20.10
C PHE C 246 18.69 23.73 -21.23
N TRP C 247 17.99 23.25 -22.27
CA TRP C 247 18.65 22.50 -23.35
C TRP C 247 19.53 23.36 -24.28
N ASP C 248 19.11 24.59 -24.56
CA ASP C 248 19.93 25.55 -25.32
C ASP C 248 21.32 25.73 -24.69
N ILE C 249 21.36 25.85 -23.37
CA ILE C 249 22.60 25.85 -22.60
C ILE C 249 23.31 24.47 -22.51
N LYS C 250 22.57 23.43 -22.13
CA LYS C 250 23.22 22.16 -21.75
C LYS C 250 23.59 21.28 -22.92
N SER C 251 22.94 21.51 -24.07
CA SER C 251 23.09 20.60 -25.22
C SER C 251 24.55 20.50 -25.70
N LYS C 252 25.35 21.52 -25.41
CA LYS C 252 26.76 21.52 -25.80
C LYS C 252 27.60 20.53 -24.97
N TYR C 253 27.11 20.21 -23.75
CA TYR C 253 27.80 19.30 -22.83
C TYR C 253 27.25 17.86 -22.91
N PHE C 254 25.94 17.76 -23.03
CA PHE C 254 25.27 16.48 -23.21
C PHE C 254 23.95 16.66 -23.95
N THR C 255 23.55 15.61 -24.67
CA THR C 255 22.29 15.62 -25.39
C THR C 255 21.26 14.70 -24.75
N CYS C 256 20.02 14.88 -25.17
CA CYS C 256 18.91 14.16 -24.56
C CYS C 256 18.90 12.65 -24.89
N GLN C 257 18.72 11.85 -23.83
CA GLN C 257 18.68 10.40 -23.95
C GLN C 257 17.31 9.84 -23.60
N CYS C 258 16.27 10.66 -23.73
CA CYS C 258 14.94 10.23 -23.32
C CYS C 258 14.44 9.09 -24.21
N GLY C 259 14.95 9.02 -25.43
CA GLY C 259 14.72 7.87 -26.30
C GLY C 259 13.38 7.89 -27.01
N SER C 260 12.63 8.97 -26.84
CA SER C 260 11.33 9.14 -27.48
C SER C 260 11.50 9.27 -29.00
N GLU C 261 10.56 8.72 -29.74
CA GLU C 261 10.46 9.04 -31.17
C GLU C 261 10.17 10.55 -31.29
N LYS C 262 9.58 11.13 -30.24
CA LYS C 262 9.29 12.57 -30.20
C LYS C 262 10.45 13.44 -29.70
N CYS C 263 11.57 12.81 -29.35
CA CYS C 263 12.69 13.54 -28.77
C CYS C 263 13.14 14.73 -29.64
N LYS C 264 13.23 15.91 -29.03
CA LYS C 264 13.73 17.10 -29.74
C LYS C 264 15.08 17.68 -29.31
N HIS C 265 15.79 17.03 -28.41
CA HIS C 265 17.09 17.55 -27.97
C HIS C 265 18.19 16.48 -28.04
N SER C 266 17.94 15.41 -28.78
CA SER C 266 18.93 14.34 -28.98
C SER C 266 19.95 14.77 -30.03
N ALA C 267 21.10 14.10 -30.05
CA ALA C 267 22.08 14.29 -31.13
C ALA C 267 21.43 14.13 -32.50
N GLU C 268 20.67 13.04 -32.70
CA GLU C 268 19.99 12.79 -33.99
C GLU C 268 19.01 13.91 -34.34
N ALA C 269 18.19 14.31 -33.36
CA ALA C 269 17.28 15.44 -33.54
C ALA C 269 18.03 16.72 -33.92
N ILE C 270 19.12 17.00 -33.21
CA ILE C 270 19.94 18.19 -33.46
C ILE C 270 20.62 18.13 -34.83
N ALA C 271 21.19 16.97 -35.16
CA ALA C 271 21.80 16.72 -36.49
C ALA C 271 20.78 16.85 -37.61
N LEU C 272 19.61 16.23 -37.43
CA LEU C 272 18.53 16.30 -38.41
C LEU C 272 18.14 17.75 -38.70
N GLU C 273 18.12 18.56 -37.64
CA GLU C 273 17.81 19.99 -37.73
C GLU C 273 18.92 20.78 -38.43
N GLN C 274 20.17 20.36 -38.23
CA GLN C 274 21.31 20.95 -38.94
C GLN C 274 21.22 20.67 -40.43
N SER C 275 20.82 19.43 -40.76
CA SER C 275 20.61 19.01 -42.14
C SER C 275 19.48 19.79 -42.85
N ARG C 276 18.46 20.20 -42.09
CA ARG C 276 17.44 21.15 -42.61
C ARG C 276 17.65 22.58 -42.10
N ILE D 10 10.41 -43.30 -24.13
CA ILE D 10 8.97 -42.99 -23.80
C ILE D 10 8.89 -42.30 -22.43
N CYS D 11 7.98 -41.32 -22.32
CA CYS D 11 7.63 -40.69 -21.06
C CYS D 11 6.11 -40.75 -20.99
N ARG D 12 5.56 -41.14 -19.84
CA ARG D 12 4.10 -41.21 -19.62
C ARG D 12 3.42 -39.86 -19.71
N ASP D 13 4.11 -38.82 -19.24
CA ASP D 13 3.47 -37.49 -19.22
C ASP D 13 4.50 -36.39 -19.04
N VAL D 14 4.78 -35.70 -20.13
CA VAL D 14 5.77 -34.60 -20.09
C VAL D 14 5.30 -33.43 -19.21
N ALA D 15 4.00 -33.36 -18.95
CA ALA D 15 3.36 -32.32 -18.14
C ALA D 15 3.37 -32.60 -16.62
N ARG D 16 3.83 -33.79 -16.19
CA ARG D 16 3.93 -34.16 -14.77
C ARG D 16 2.61 -33.92 -14.01
N GLY D 17 1.50 -34.32 -14.64
CA GLY D 17 0.16 -34.20 -14.05
C GLY D 17 -0.39 -32.78 -13.92
N TYR D 18 0.27 -31.79 -14.54
CA TYR D 18 -0.23 -30.40 -14.47
C TYR D 18 -1.41 -30.14 -15.41
N GLU D 19 -1.57 -30.94 -16.47
CA GLU D 19 -2.74 -30.76 -17.38
C GLU D 19 -3.90 -31.69 -17.00
N ASN D 20 -5.10 -31.49 -17.58
CA ASN D 20 -6.29 -32.32 -17.24
C ASN D 20 -6.07 -33.76 -17.69
N VAL D 21 -5.21 -33.91 -18.69
CA VAL D 21 -4.89 -35.23 -19.26
C VAL D 21 -3.37 -35.37 -19.39
N PRO D 22 -2.83 -36.62 -19.46
CA PRO D 22 -1.38 -36.76 -19.70
C PRO D 22 -0.98 -36.41 -21.11
N ILE D 23 0.28 -36.03 -21.30
CA ILE D 23 0.83 -35.81 -22.63
C ILE D 23 2.09 -36.67 -22.76
N PRO D 24 1.92 -37.89 -23.29
CA PRO D 24 3.04 -38.83 -23.43
C PRO D 24 4.03 -38.42 -24.52
N CYS D 25 5.25 -38.96 -24.43
CA CYS D 25 6.27 -38.78 -25.46
C CYS D 25 6.76 -40.14 -25.94
N VAL D 26 6.90 -40.24 -27.26
CA VAL D 26 7.45 -41.41 -27.95
C VAL D 26 8.49 -40.98 -28.99
N ASN D 27 9.46 -41.88 -29.26
CA ASN D 27 10.37 -41.64 -30.39
C ASN D 27 10.56 -42.97 -31.13
N GLY D 28 9.97 -43.09 -32.31
CA GLY D 28 10.12 -44.32 -33.12
C GLY D 28 10.93 -44.06 -34.37
N VAL D 29 11.76 -43.02 -34.34
CA VAL D 29 12.44 -42.55 -35.55
C VAL D 29 13.97 -42.54 -35.39
N ASP D 30 14.44 -42.00 -34.28
CA ASP D 30 15.87 -41.91 -34.08
C ASP D 30 16.30 -42.13 -32.63
N GLY D 31 17.54 -41.77 -32.32
CA GLY D 31 18.10 -42.02 -31.00
C GLY D 31 17.97 -40.91 -29.99
N GLU D 32 17.24 -39.86 -30.34
CA GLU D 32 17.10 -38.72 -29.44
C GLU D 32 16.19 -39.01 -28.23
N PRO D 33 16.71 -38.79 -27.01
CA PRO D 33 15.92 -38.92 -25.80
C PRO D 33 14.81 -37.86 -25.73
N CYS D 34 13.74 -38.16 -25.01
CA CYS D 34 12.68 -37.18 -24.74
C CYS D 34 13.31 -35.85 -24.30
N PRO D 35 12.83 -34.74 -24.88
CA PRO D 35 13.58 -33.49 -24.63
C PRO D 35 13.59 -33.06 -23.17
N GLU D 36 14.78 -32.67 -22.69
CA GLU D 36 14.90 -32.21 -21.32
C GLU D 36 15.60 -30.86 -21.21
N ASP D 37 15.76 -30.19 -22.34
CA ASP D 37 16.44 -28.90 -22.40
C ASP D 37 15.51 -27.68 -22.24
N TYR D 38 14.46 -27.85 -21.45
CA TYR D 38 13.50 -26.82 -21.11
C TYR D 38 12.78 -27.31 -19.83
N LYS D 39 11.95 -26.45 -19.25
CA LYS D 39 11.16 -26.83 -18.08
C LYS D 39 9.69 -26.76 -18.52
N TYR D 40 8.95 -27.86 -18.39
CA TYR D 40 7.54 -27.86 -18.74
C TYR D 40 6.75 -27.06 -17.68
N ILE D 41 6.01 -26.05 -18.15
CA ILE D 41 5.09 -25.26 -17.33
C ILE D 41 3.73 -25.19 -18.03
N SER D 42 2.65 -25.31 -17.25
CA SER D 42 1.30 -25.37 -17.82
C SER D 42 0.64 -23.98 -17.96
N GLU D 43 1.21 -22.99 -17.26
CA GLU D 43 0.71 -21.60 -17.33
C GLU D 43 1.88 -20.65 -17.53
N ASN D 44 1.61 -19.50 -18.15
CA ASN D 44 2.68 -18.54 -18.46
C ASN D 44 3.50 -18.15 -17.23
N CYS D 45 4.77 -17.87 -17.46
CA CYS D 45 5.62 -17.40 -16.41
C CYS D 45 6.31 -16.09 -16.82
N GLU D 46 7.06 -15.56 -15.87
CA GLU D 46 7.92 -14.42 -16.11
C GLU D 46 9.22 -14.60 -15.37
N THR D 47 10.25 -13.96 -15.87
CA THR D 47 11.44 -13.79 -15.07
C THR D 47 11.43 -12.32 -14.61
N SER D 48 11.88 -11.41 -15.46
CA SER D 48 11.77 -9.96 -15.18
C SER D 48 10.29 -9.58 -15.08
N THR D 49 9.99 -8.63 -14.20
CA THR D 49 8.61 -8.25 -13.92
C THR D 49 7.89 -7.76 -15.16
N MET D 50 6.78 -8.41 -15.44
CA MET D 50 5.86 -7.94 -16.42
C MET D 50 4.80 -7.22 -15.61
N ASN D 51 4.60 -5.98 -15.97
CA ASN D 51 3.71 -5.12 -15.18
C ASN D 51 2.31 -5.23 -15.76
N ILE D 52 1.77 -6.45 -15.69
CA ILE D 52 0.41 -6.71 -16.19
C ILE D 52 -0.60 -6.00 -15.29
N ASP D 53 -1.59 -5.38 -15.90
CA ASP D 53 -2.65 -4.72 -15.12
C ASP D 53 -3.68 -5.77 -14.71
N ARG D 54 -3.55 -6.28 -13.49
CA ARG D 54 -4.40 -7.38 -13.00
C ARG D 54 -5.53 -6.85 -12.12
N ASN D 55 -5.70 -5.54 -12.10
CA ASN D 55 -6.66 -4.85 -11.23
C ASN D 55 -8.07 -5.41 -11.44
N ILE D 56 -8.64 -6.08 -10.44
CA ILE D 56 -9.96 -6.71 -10.59
C ILE D 56 -11.06 -5.72 -10.98
N THR D 57 -10.93 -4.46 -10.55
CA THR D 57 -11.92 -3.41 -10.86
C THR D 57 -11.87 -2.96 -12.31
N HIS D 58 -10.81 -3.32 -13.01
CA HIS D 58 -10.65 -3.04 -14.43
C HIS D 58 -11.20 -4.15 -15.32
N LEU D 59 -11.80 -5.18 -14.74
CA LEU D 59 -12.44 -6.23 -15.58
C LEU D 59 -13.85 -5.82 -15.97
N GLN D 60 -14.13 -5.85 -17.26
CA GLN D 60 -15.51 -5.78 -17.73
C GLN D 60 -16.06 -7.16 -17.48
N HIS D 61 -17.33 -7.23 -17.09
CA HIS D 61 -17.86 -8.51 -16.63
C HIS D 61 -19.35 -8.54 -16.87
N CYS D 62 -19.93 -9.73 -16.90
CA CYS D 62 -21.38 -9.85 -17.14
C CYS D 62 -22.19 -9.99 -15.86
N THR D 63 -23.52 -9.88 -16.01
CA THR D 63 -24.48 -9.91 -14.91
C THR D 63 -25.41 -11.14 -15.00
N CYS D 64 -25.06 -12.07 -15.89
CA CYS D 64 -25.81 -13.32 -16.08
C CYS D 64 -25.94 -14.20 -14.84
N VAL D 65 -27.13 -14.73 -14.68
CA VAL D 65 -27.39 -15.76 -13.69
C VAL D 65 -27.82 -17.09 -14.34
N ASP D 66 -27.75 -17.14 -15.67
CA ASP D 66 -27.88 -18.39 -16.40
C ASP D 66 -26.46 -18.94 -16.72
N ASP D 67 -26.33 -19.76 -17.75
CA ASP D 67 -25.02 -20.34 -18.11
C ASP D 67 -24.29 -19.51 -19.17
N CYS D 68 -24.63 -18.23 -19.27
CA CYS D 68 -24.08 -17.29 -20.27
C CYS D 68 -24.23 -17.80 -21.70
N SER D 69 -25.34 -18.48 -22.00
CA SER D 69 -25.61 -18.90 -23.37
C SER D 69 -26.49 -17.90 -24.15
N SER D 70 -26.89 -16.80 -23.51
CA SER D 70 -27.77 -15.84 -24.16
C SER D 70 -26.97 -14.73 -24.84
N SER D 71 -27.59 -14.03 -25.79
CA SER D 71 -26.93 -12.93 -26.46
C SER D 71 -26.72 -11.69 -25.57
N ASN D 72 -27.39 -11.67 -24.42
CA ASN D 72 -27.28 -10.54 -23.48
C ASN D 72 -26.02 -10.57 -22.62
N CYS D 73 -25.27 -11.67 -22.67
CA CYS D 73 -24.04 -11.77 -21.89
C CYS D 73 -23.06 -10.69 -22.34
N LEU D 74 -22.63 -9.83 -21.42
CA LEU D 74 -21.71 -8.73 -21.76
C LEU D 74 -20.41 -9.26 -22.31
N CYS D 75 -19.93 -10.35 -21.72
CA CYS D 75 -18.66 -10.98 -22.11
C CYS D 75 -18.69 -11.51 -23.55
N GLY D 76 -19.81 -12.14 -23.93
CA GLY D 76 -20.08 -12.46 -25.34
C GLY D 76 -20.06 -11.21 -26.22
N GLN D 77 -20.72 -10.15 -25.76
CA GLN D 77 -20.78 -8.91 -26.54
C GLN D 77 -19.39 -8.28 -26.73
N LEU D 78 -18.56 -8.31 -25.69
CA LEU D 78 -17.16 -7.86 -25.79
C LEU D 78 -16.35 -8.63 -26.85
N SER D 79 -16.71 -9.90 -27.05
CA SER D 79 -16.08 -10.79 -28.01
C SER D 79 -16.72 -10.63 -29.40
N ILE D 80 -17.65 -9.67 -29.49
CA ILE D 80 -18.63 -9.44 -30.61
C ILE D 80 -19.88 -10.29 -30.44
N ARG D 81 -19.69 -11.60 -30.32
CA ARG D 81 -20.65 -12.49 -29.68
C ARG D 81 -19.84 -13.60 -29.00
N CYS D 82 -20.47 -14.43 -28.19
CA CYS D 82 -19.81 -15.64 -27.72
C CYS D 82 -19.68 -16.55 -28.93
N TRP D 83 -18.44 -16.98 -29.20
CA TRP D 83 -18.18 -17.78 -30.38
C TRP D 83 -18.24 -19.27 -30.10
N TYR D 84 -18.55 -19.63 -28.85
CA TYR D 84 -18.58 -21.01 -28.43
C TYR D 84 -19.98 -21.60 -28.54
N ASP D 85 -20.09 -22.78 -29.14
CA ASP D 85 -21.35 -23.52 -29.13
C ASP D 85 -21.51 -24.28 -27.82
N LYS D 86 -22.63 -25.01 -27.66
CA LYS D 86 -22.93 -25.67 -26.38
C LYS D 86 -21.89 -26.71 -25.95
N ASP D 87 -21.04 -27.12 -26.89
CA ASP D 87 -20.02 -28.14 -26.62
C ASP D 87 -18.61 -27.55 -26.44
N GLY D 88 -18.53 -26.22 -26.44
CA GLY D 88 -17.26 -25.53 -26.25
C GLY D 88 -16.46 -25.32 -27.53
N ARG D 89 -17.07 -25.58 -28.69
CA ARG D 89 -16.40 -25.42 -29.99
C ARG D 89 -16.77 -24.10 -30.67
N LEU D 90 -15.78 -23.51 -31.34
CA LEU D 90 -15.99 -22.30 -32.14
C LEU D 90 -17.04 -22.52 -33.21
N LEU D 91 -17.93 -21.55 -33.37
CA LEU D 91 -19.01 -21.67 -34.37
C LEU D 91 -18.41 -21.73 -35.77
N GLN D 92 -19.11 -22.41 -36.69
CA GLN D 92 -18.68 -22.47 -38.10
C GLN D 92 -18.38 -21.09 -38.66
N GLU D 93 -19.13 -20.09 -38.19
CA GLU D 93 -19.06 -18.70 -38.69
C GLU D 93 -17.77 -17.97 -38.29
N PHE D 94 -17.06 -18.52 -37.30
CA PHE D 94 -15.87 -17.88 -36.74
C PHE D 94 -14.83 -17.59 -37.83
N ASN D 95 -14.34 -16.37 -37.84
CA ASN D 95 -13.36 -15.91 -38.80
C ASN D 95 -11.96 -16.48 -38.51
N LYS D 96 -11.60 -17.52 -39.24
CA LYS D 96 -10.38 -18.27 -38.99
C LYS D 96 -9.16 -17.60 -39.62
N ILE D 97 -9.38 -16.57 -40.42
CA ILE D 97 -8.27 -15.86 -41.05
C ILE D 97 -7.85 -14.66 -40.22
N GLU D 98 -8.84 -13.91 -39.75
CA GLU D 98 -8.59 -12.80 -38.84
C GLU D 98 -9.51 -12.98 -37.63
N PRO D 99 -9.14 -13.91 -36.72
CA PRO D 99 -9.98 -14.15 -35.54
C PRO D 99 -10.23 -12.88 -34.71
N PRO D 100 -11.44 -12.75 -34.16
CA PRO D 100 -11.74 -11.74 -33.14
C PRO D 100 -11.02 -12.05 -31.82
N LEU D 101 -10.82 -11.03 -30.99
CA LEU D 101 -10.42 -11.20 -29.61
C LEU D 101 -11.55 -11.87 -28.85
N ILE D 102 -11.22 -12.90 -28.10
CA ILE D 102 -12.21 -13.58 -27.25
C ILE D 102 -12.06 -13.09 -25.83
N PHE D 103 -13.18 -12.66 -25.24
CA PHE D 103 -13.20 -12.32 -23.82
C PHE D 103 -13.99 -13.35 -23.04
N GLU D 104 -13.31 -14.22 -22.28
CA GLU D 104 -14.02 -15.22 -21.47
C GLU D 104 -14.60 -14.60 -20.20
N CYS D 105 -15.55 -15.28 -19.57
CA CYS D 105 -15.98 -14.89 -18.24
C CYS D 105 -14.85 -14.98 -17.20
N ASN D 106 -15.03 -14.25 -16.12
CA ASN D 106 -13.95 -14.02 -15.19
C ASN D 106 -14.49 -13.94 -13.76
N GLN D 107 -13.57 -13.71 -12.84
CA GLN D 107 -13.84 -13.69 -11.42
C GLN D 107 -14.69 -12.48 -10.99
N ALA D 108 -14.90 -11.51 -11.89
CA ALA D 108 -15.80 -10.38 -11.57
C ALA D 108 -17.25 -10.67 -12.05
N CYS D 109 -17.41 -11.64 -12.96
CA CYS D 109 -18.75 -11.97 -13.49
C CYS D 109 -19.64 -12.58 -12.41
N SER D 110 -20.96 -12.39 -12.55
CA SER D 110 -21.91 -12.94 -11.57
C SER D 110 -22.27 -14.40 -11.86
N CYS D 111 -21.84 -14.91 -13.01
CA CYS D 111 -22.14 -16.29 -13.39
C CYS D 111 -21.28 -17.28 -12.62
N TRP D 112 -21.61 -18.54 -12.80
CA TRP D 112 -20.89 -19.61 -12.12
C TRP D 112 -19.66 -20.05 -12.93
N ARG D 113 -18.73 -20.68 -12.24
CA ARG D 113 -17.48 -21.12 -12.82
C ARG D 113 -17.71 -22.12 -13.99
N ASN D 114 -18.88 -22.76 -14.04
CA ASN D 114 -19.14 -23.71 -15.13
C ASN D 114 -19.99 -23.16 -16.29
N CYS D 115 -19.97 -21.84 -16.49
CA CYS D 115 -20.81 -21.25 -17.53
C CYS D 115 -20.21 -21.62 -18.88
N LYS D 116 -20.94 -21.31 -19.95
CA LYS D 116 -20.53 -21.68 -21.32
C LYS D 116 -19.43 -20.82 -21.96
N ASN D 117 -18.95 -19.77 -21.27
CA ASN D 117 -17.96 -18.85 -21.83
C ASN D 117 -16.61 -18.98 -21.10
N ARG D 118 -16.15 -20.22 -20.89
CA ARG D 118 -14.92 -20.48 -20.12
C ARG D 118 -14.01 -21.60 -20.66
N VAL D 119 -13.99 -21.72 -21.97
CA VAL D 119 -13.39 -22.92 -22.63
C VAL D 119 -11.87 -22.95 -22.43
N VAL D 120 -11.20 -21.85 -22.75
CA VAL D 120 -9.74 -21.79 -22.66
C VAL D 120 -9.31 -21.92 -21.21
N GLN D 121 -10.02 -21.21 -20.30
CA GLN D 121 -9.81 -21.33 -18.84
C GLN D 121 -9.81 -22.72 -18.26
N SER D 122 -10.58 -23.61 -18.88
CA SER D 122 -10.80 -24.95 -18.38
C SER D 122 -9.70 -25.98 -18.81
N GLY D 123 -8.83 -25.56 -19.71
CA GLY D 123 -7.60 -26.31 -19.97
C GLY D 123 -7.71 -27.35 -21.06
N ILE D 124 -6.66 -28.16 -21.17
CA ILE D 124 -6.56 -29.13 -22.26
C ILE D 124 -7.54 -30.29 -22.03
N LYS D 125 -8.33 -30.62 -23.06
CA LYS D 125 -9.24 -31.78 -22.97
C LYS D 125 -8.94 -32.91 -23.92
N VAL D 126 -8.25 -32.61 -25.01
CA VAL D 126 -7.96 -33.64 -26.02
C VAL D 126 -6.67 -34.40 -25.68
N ARG D 127 -6.59 -35.64 -26.16
CA ARG D 127 -5.38 -36.44 -25.98
C ARG D 127 -4.39 -36.15 -27.11
N LEU D 128 -3.21 -35.66 -26.70
CA LEU D 128 -2.10 -35.36 -27.61
C LEU D 128 -0.89 -36.19 -27.25
N GLN D 129 0.08 -36.19 -28.15
CA GLN D 129 1.34 -36.91 -28.00
C GLN D 129 2.49 -36.10 -28.59
N LEU D 130 3.55 -35.99 -27.80
CA LEU D 130 4.83 -35.47 -28.25
C LEU D 130 5.51 -36.65 -28.92
N TYR D 131 5.90 -36.48 -30.17
CA TYR D 131 6.53 -37.57 -30.93
C TYR D 131 7.66 -37.08 -31.82
N ARG D 132 8.54 -38.00 -32.21
CA ARG D 132 9.62 -37.65 -33.14
C ARG D 132 9.12 -37.76 -34.57
N THR D 133 9.22 -36.66 -35.31
CA THR D 133 8.81 -36.61 -36.70
C THR D 133 9.95 -37.18 -37.56
N ALA D 134 9.63 -37.45 -38.83
CA ALA D 134 10.63 -37.90 -39.80
C ALA D 134 11.71 -36.85 -40.12
N LYS D 135 11.33 -35.59 -40.33
CA LYS D 135 12.27 -34.59 -40.84
C LYS D 135 12.39 -33.26 -40.07
N MET D 136 11.49 -32.98 -39.14
CA MET D 136 11.56 -31.67 -38.48
C MET D 136 11.57 -31.74 -36.96
N GLY D 137 12.29 -32.72 -36.45
CA GLY D 137 12.54 -32.81 -35.02
C GLY D 137 11.31 -33.27 -34.27
N TRP D 138 11.09 -32.72 -33.07
CA TRP D 138 9.89 -33.09 -32.30
C TRP D 138 8.66 -32.43 -32.89
N GLY D 139 7.52 -33.11 -32.74
CA GLY D 139 6.23 -32.56 -33.21
C GLY D 139 5.12 -32.98 -32.26
N VAL D 140 3.91 -32.51 -32.52
CA VAL D 140 2.79 -32.88 -31.68
C VAL D 140 1.69 -33.43 -32.58
N ARG D 141 1.10 -34.56 -32.17
CA ARG D 141 0.02 -35.18 -32.94
C ARG D 141 -1.17 -35.52 -32.06
N ALA D 142 -2.34 -35.66 -32.69
CA ALA D 142 -3.55 -36.05 -32.01
C ALA D 142 -3.58 -37.56 -31.75
N LEU D 143 -4.02 -37.97 -30.55
CA LEU D 143 -4.30 -39.38 -30.22
C LEU D 143 -5.81 -39.72 -30.34
N GLN D 144 -6.57 -38.82 -30.96
CA GLN D 144 -8.03 -38.96 -31.06
C GLN D 144 -8.49 -38.06 -32.18
N THR D 145 -9.72 -38.25 -32.68
CA THR D 145 -10.26 -37.27 -33.61
C THR D 145 -10.56 -35.98 -32.86
N ILE D 146 -10.33 -34.86 -33.53
CA ILE D 146 -10.60 -33.53 -33.00
C ILE D 146 -11.50 -32.73 -33.97
N PRO D 147 -12.79 -32.60 -33.65
CA PRO D 147 -13.69 -31.85 -34.55
C PRO D 147 -13.21 -30.41 -34.74
N GLN D 148 -13.53 -29.81 -35.88
CA GLN D 148 -13.29 -28.39 -36.13
C GLN D 148 -13.81 -27.52 -34.98
N GLY D 149 -13.01 -26.51 -34.62
CA GLY D 149 -13.39 -25.49 -33.63
C GLY D 149 -13.08 -25.86 -32.17
N THR D 150 -12.41 -26.99 -31.98
CA THR D 150 -12.09 -27.49 -30.63
C THR D 150 -10.84 -26.80 -30.08
N PHE D 151 -10.90 -26.34 -28.82
CA PHE D 151 -9.71 -25.84 -28.14
C PHE D 151 -8.72 -27.00 -27.95
N ILE D 152 -7.48 -26.74 -28.34
CA ILE D 152 -6.40 -27.74 -28.23
C ILE D 152 -5.48 -27.47 -27.03
N CYS D 153 -4.74 -26.36 -27.10
CA CYS D 153 -3.85 -25.97 -26.00
C CYS D 153 -3.54 -24.47 -26.15
N GLU D 154 -2.95 -23.90 -25.09
CA GLU D 154 -2.48 -22.52 -25.10
C GLU D 154 -0.99 -22.47 -25.45
N TYR D 155 -0.54 -21.42 -26.15
CA TYR D 155 0.89 -21.23 -26.34
C TYR D 155 1.44 -20.65 -25.02
N VAL D 156 2.11 -21.49 -24.24
CA VAL D 156 2.59 -21.08 -22.90
C VAL D 156 4.11 -20.94 -22.88
N GLY D 157 4.58 -19.91 -22.19
CA GLY D 157 6.01 -19.71 -22.02
C GLY D 157 6.31 -18.54 -21.10
N GLU D 158 7.49 -17.96 -21.30
CA GLU D 158 7.98 -16.86 -20.53
C GLU D 158 7.63 -15.54 -21.23
N LEU D 159 6.88 -14.70 -20.52
CA LEU D 159 6.49 -13.41 -21.02
C LEU D 159 7.66 -12.47 -20.96
N ILE D 160 7.99 -11.87 -22.10
CA ILE D 160 9.14 -10.97 -22.20
C ILE D 160 8.81 -9.74 -23.07
N SER D 161 9.58 -8.67 -22.92
CA SER D 161 9.44 -7.53 -23.79
C SER D 161 10.06 -7.76 -25.20
N ASP D 162 9.60 -6.97 -26.16
CA ASP D 162 10.18 -6.94 -27.51
C ASP D 162 11.70 -6.71 -27.48
N ALA D 163 12.14 -5.82 -26.60
CA ALA D 163 13.58 -5.49 -26.47
C ALA D 163 14.37 -6.70 -25.93
N GLU D 164 13.76 -7.42 -24.99
CA GLU D 164 14.38 -8.66 -24.50
C GLU D 164 14.44 -9.72 -25.59
N ALA D 165 13.36 -9.84 -26.36
CA ALA D 165 13.32 -10.76 -27.49
C ALA D 165 14.43 -10.46 -28.51
N ASP D 166 14.61 -9.17 -28.83
CA ASP D 166 15.68 -8.71 -29.75
C ASP D 166 17.05 -9.32 -29.43
N VAL D 167 17.46 -9.23 -28.16
CA VAL D 167 18.79 -9.61 -27.70
C VAL D 167 19.00 -11.09 -27.38
N ARG D 168 17.95 -11.90 -27.46
CA ARG D 168 18.07 -13.32 -27.17
C ARG D 168 18.62 -14.15 -28.33
N GLU D 169 19.54 -15.07 -28.03
CA GLU D 169 20.24 -15.86 -29.06
C GLU D 169 19.32 -16.73 -29.91
N ASP D 170 18.48 -17.53 -29.24
CA ASP D 170 17.60 -18.49 -29.88
C ASP D 170 16.20 -17.89 -29.97
N ASP D 171 15.73 -17.65 -31.19
CA ASP D 171 14.38 -17.09 -31.38
C ASP D 171 13.40 -18.14 -31.94
N SER D 172 13.77 -19.40 -31.87
CA SER D 172 12.97 -20.46 -32.51
C SER D 172 11.69 -20.85 -31.74
N TYR D 173 11.54 -20.36 -30.51
CA TYR D 173 10.34 -20.65 -29.71
C TYR D 173 9.62 -19.38 -29.31
N LEU D 174 9.75 -18.34 -30.14
CA LEU D 174 9.13 -17.03 -29.87
C LEU D 174 7.77 -16.87 -30.52
N PHE D 175 6.78 -16.47 -29.71
CA PHE D 175 5.46 -16.08 -30.22
C PHE D 175 5.21 -14.58 -29.91
N ASP D 176 5.11 -13.77 -30.96
CA ASP D 176 4.78 -12.33 -30.88
C ASP D 176 3.34 -12.02 -30.51
N LEU D 177 3.17 -11.16 -29.52
CA LEU D 177 1.85 -10.70 -29.07
C LEU D 177 1.49 -9.35 -29.72
N VAL D 184 5.05 -3.74 -27.36
CA VAL D 184 5.04 -5.10 -27.93
C VAL D 184 5.69 -6.12 -27.00
N TYR D 185 4.98 -7.22 -26.75
CA TYR D 185 5.48 -8.30 -25.92
C TYR D 185 5.48 -9.63 -26.69
N CYS D 186 6.22 -10.61 -26.16
CA CYS D 186 6.34 -11.94 -26.77
C CYS D 186 6.23 -13.03 -25.72
N ILE D 187 5.83 -14.22 -26.14
CA ILE D 187 5.98 -15.37 -25.28
C ILE D 187 7.17 -16.18 -25.84
N ASP D 188 8.19 -16.36 -25.02
CA ASP D 188 9.38 -17.16 -25.38
C ASP D 188 9.30 -18.49 -24.66
N ALA D 189 9.10 -19.54 -25.45
CA ALA D 189 8.99 -20.88 -24.90
C ALA D 189 10.32 -21.67 -24.90
N ARG D 190 11.44 -20.98 -25.16
CA ARG D 190 12.76 -21.65 -25.18
C ARG D 190 13.18 -22.34 -23.85
N TYR D 191 13.13 -21.61 -22.74
CA TYR D 191 13.54 -22.15 -21.44
C TYR D 191 12.38 -22.74 -20.65
N TYR D 192 11.18 -22.15 -20.81
CA TYR D 192 9.98 -22.55 -20.07
C TYR D 192 8.85 -22.55 -21.07
N GLY D 193 8.11 -23.67 -21.17
CA GLY D 193 7.04 -23.74 -22.15
C GLY D 193 6.16 -24.94 -21.91
N ASN D 194 5.04 -25.00 -22.62
CA ASN D 194 4.18 -26.20 -22.53
C ASN D 194 4.26 -26.99 -23.82
N ILE D 195 3.28 -27.89 -24.02
CA ILE D 195 3.28 -28.76 -25.19
C ILE D 195 3.36 -27.95 -26.50
N SER D 196 2.86 -26.70 -26.50
CA SER D 196 2.75 -25.92 -27.75
C SER D 196 4.12 -25.59 -28.36
N ARG D 197 5.16 -25.59 -27.53
CA ARG D 197 6.50 -25.26 -27.99
C ARG D 197 6.99 -26.26 -29.04
N PHE D 198 6.35 -27.44 -29.07
CA PHE D 198 6.73 -28.49 -30.02
C PHE D 198 5.91 -28.54 -31.30
N ILE D 199 4.93 -27.66 -31.45
CA ILE D 199 4.09 -27.63 -32.64
C ILE D 199 4.82 -26.98 -33.84
N ASN D 200 4.98 -27.77 -34.89
CA ASN D 200 5.68 -27.33 -36.12
C ASN D 200 4.82 -26.45 -37.01
N HIS D 201 5.48 -25.77 -37.96
CA HIS D 201 4.84 -25.05 -39.02
C HIS D 201 4.31 -26.06 -40.01
N LEU D 202 3.08 -25.87 -40.42
CA LEU D 202 2.53 -26.58 -41.56
C LEU D 202 1.98 -25.59 -42.57
N CYS D 203 2.36 -25.78 -43.84
CA CYS D 203 1.85 -24.99 -44.97
C CYS D 203 0.37 -25.30 -45.23
N ASP D 204 -0.06 -26.49 -44.80
CA ASP D 204 -1.48 -26.85 -44.76
C ASP D 204 -1.95 -27.00 -43.30
N PRO D 205 -2.12 -25.86 -42.58
CA PRO D 205 -2.29 -25.96 -41.12
C PRO D 205 -3.68 -26.42 -40.67
N ASN D 206 -3.77 -26.99 -39.48
CA ASN D 206 -5.05 -27.49 -38.96
C ASN D 206 -5.43 -26.85 -37.64
N ILE D 207 -4.61 -25.92 -37.16
CA ILE D 207 -4.94 -25.13 -35.96
C ILE D 207 -4.69 -23.65 -36.22
N ILE D 208 -5.41 -22.78 -35.49
CA ILE D 208 -5.22 -21.34 -35.61
C ILE D 208 -5.03 -20.76 -34.21
N PRO D 209 -4.10 -19.80 -34.05
CA PRO D 209 -3.99 -19.10 -32.78
C PRO D 209 -5.07 -18.00 -32.67
N VAL D 210 -5.62 -17.87 -31.47
CA VAL D 210 -6.64 -16.87 -31.16
C VAL D 210 -6.22 -16.12 -29.89
N ARG D 211 -6.37 -14.79 -29.90
CA ARG D 211 -6.04 -13.98 -28.70
C ARG D 211 -7.22 -13.98 -27.75
N VAL D 212 -6.95 -14.31 -26.50
CA VAL D 212 -8.00 -14.56 -25.51
C VAL D 212 -7.67 -13.85 -24.22
N PHE D 213 -8.72 -13.34 -23.56
CA PHE D 213 -8.62 -12.72 -22.25
C PHE D 213 -9.48 -13.44 -21.23
N MET D 214 -8.88 -13.69 -20.07
CA MET D 214 -9.50 -14.48 -19.04
C MET D 214 -9.46 -13.73 -17.71
N LEU D 215 -8.41 -13.93 -16.91
CA LEU D 215 -8.36 -13.33 -15.54
C LEU D 215 -7.95 -11.83 -15.46
N HIS D 216 -7.47 -11.28 -16.59
CA HIS D 216 -7.16 -9.87 -16.72
C HIS D 216 -7.57 -9.43 -18.15
N GLN D 217 -7.73 -8.13 -18.38
CA GLN D 217 -8.05 -7.67 -19.73
C GLN D 217 -7.03 -6.61 -20.14
N ASP D 218 -5.78 -6.86 -19.77
CA ASP D 218 -4.69 -5.99 -20.20
C ASP D 218 -4.36 -6.35 -21.65
N LEU D 219 -4.77 -5.49 -22.60
CA LEU D 219 -4.68 -5.77 -24.03
C LEU D 219 -3.25 -5.94 -24.55
N ARG D 220 -2.28 -5.50 -23.75
CA ARG D 220 -0.87 -5.73 -24.10
C ARG D 220 -0.51 -7.22 -24.05
N PHE D 221 -1.29 -7.98 -23.29
CA PHE D 221 -0.96 -9.34 -22.91
C PHE D 221 -2.08 -10.34 -23.20
N PRO D 222 -2.46 -10.49 -24.50
CA PRO D 222 -3.40 -11.53 -24.85
C PRO D 222 -2.75 -12.87 -24.52
N ARG D 223 -3.57 -13.86 -24.20
CA ARG D 223 -3.08 -15.23 -24.12
C ARG D 223 -3.44 -15.91 -25.44
N ILE D 224 -2.61 -16.87 -25.86
CA ILE D 224 -2.74 -17.40 -27.20
C ILE D 224 -3.35 -18.79 -27.15
N ALA D 225 -4.56 -18.93 -27.68
CA ALA D 225 -5.24 -20.24 -27.68
C ALA D 225 -5.23 -20.83 -29.09
N PHE D 226 -4.86 -22.11 -29.20
CA PHE D 226 -4.96 -22.83 -30.44
C PHE D 226 -6.27 -23.61 -30.49
N PHE D 227 -7.04 -23.36 -31.55
CA PHE D 227 -8.23 -24.13 -31.90
C PHE D 227 -8.04 -24.83 -33.25
N SER D 228 -8.64 -26.01 -33.39
CA SER D 228 -8.62 -26.71 -34.69
C SER D 228 -9.38 -25.89 -35.72
N SER D 229 -8.80 -25.78 -36.92
CA SER D 229 -9.46 -25.05 -38.01
C SER D 229 -10.27 -26.00 -38.92
N ARG D 230 -10.08 -27.30 -38.72
CA ARG D 230 -10.82 -28.34 -39.42
C ARG D 230 -10.83 -29.57 -38.54
N ASP D 231 -11.58 -30.59 -38.98
CA ASP D 231 -11.55 -31.88 -38.33
C ASP D 231 -10.14 -32.48 -38.42
N ILE D 232 -9.66 -33.00 -37.30
CA ILE D 232 -8.30 -33.54 -37.23
C ILE D 232 -8.40 -35.03 -36.96
N ARG D 233 -7.71 -35.83 -37.77
CA ARG D 233 -7.78 -37.27 -37.64
C ARG D 233 -6.80 -37.80 -36.61
N THR D 234 -7.14 -38.94 -36.00
CA THR D 234 -6.21 -39.64 -35.09
C THR D 234 -4.86 -39.89 -35.75
N GLY D 235 -3.77 -39.55 -35.05
CA GLY D 235 -2.42 -39.67 -35.58
C GLY D 235 -1.91 -38.44 -36.32
N GLU D 236 -2.81 -37.53 -36.67
CA GLU D 236 -2.45 -36.40 -37.50
C GLU D 236 -1.57 -35.39 -36.75
N GLU D 237 -0.50 -34.92 -37.39
CA GLU D 237 0.36 -33.88 -36.78
C GLU D 237 -0.38 -32.55 -36.71
N LEU D 238 -0.27 -31.88 -35.54
CA LEU D 238 -0.81 -30.54 -35.37
C LEU D 238 0.17 -29.53 -35.92
N GLY D 239 -0.34 -28.51 -36.58
CA GLY D 239 0.49 -27.41 -37.04
C GLY D 239 -0.22 -26.12 -37.34
N PHE D 240 0.47 -25.02 -37.13
CA PHE D 240 -0.04 -23.70 -37.49
C PHE D 240 0.86 -23.00 -38.52
N ASP D 241 0.32 -21.99 -39.18
CA ASP D 241 1.09 -21.18 -40.12
C ASP D 241 1.95 -20.18 -39.33
N TYR D 242 3.26 -20.42 -39.28
CA TYR D 242 4.21 -19.49 -38.64
C TYR D 242 4.24 -18.10 -39.33
N GLY D 243 3.73 -18.02 -40.55
CA GLY D 243 3.60 -16.76 -41.28
C GLY D 243 4.71 -16.48 -42.27
N ASP D 244 4.40 -15.75 -43.34
CA ASP D 244 5.38 -15.47 -44.40
C ASP D 244 6.63 -14.74 -43.95
N ARG D 245 6.47 -13.87 -42.94
CA ARG D 245 7.57 -13.07 -42.40
C ARG D 245 8.58 -13.88 -41.59
N PHE D 246 8.11 -14.86 -40.84
CA PHE D 246 9.01 -15.83 -40.20
C PHE D 246 9.88 -16.51 -41.25
N TRP D 247 9.26 -17.03 -42.31
CA TRP D 247 10.00 -17.72 -43.37
C TRP D 247 10.85 -16.77 -44.22
N PHE D 254 17.31 -22.92 -42.42
CA PHE D 254 16.52 -24.12 -42.68
C PHE D 254 15.30 -23.84 -43.58
N THR D 255 14.82 -24.88 -44.27
CA THR D 255 13.66 -24.78 -45.17
C THR D 255 12.56 -25.76 -44.72
N CYS D 256 11.35 -25.60 -45.25
CA CYS D 256 10.19 -26.38 -44.79
C CYS D 256 10.26 -27.87 -45.14
N GLN D 257 9.95 -28.72 -44.16
CA GLN D 257 9.87 -30.16 -44.35
C GLN D 257 8.45 -30.69 -44.14
N CYS D 258 7.45 -29.80 -44.22
CA CYS D 258 6.04 -30.17 -43.97
C CYS D 258 5.57 -31.23 -44.97
N GLY D 259 6.17 -31.20 -46.15
CA GLY D 259 5.96 -32.24 -47.16
C GLY D 259 4.64 -32.16 -47.91
N SER D 260 3.88 -31.08 -47.71
CA SER D 260 2.59 -30.91 -48.38
C SER D 260 2.77 -30.54 -49.86
N GLU D 261 1.73 -30.83 -50.65
CA GLU D 261 1.61 -30.35 -52.04
C GLU D 261 1.60 -28.82 -52.09
N LYS D 262 1.05 -28.22 -51.03
CA LYS D 262 0.89 -26.78 -50.97
C LYS D 262 2.11 -26.10 -50.36
N CYS D 263 3.14 -26.89 -50.01
CA CYS D 263 4.30 -26.33 -49.34
C CYS D 263 4.86 -25.13 -50.11
N LYS D 264 5.02 -24.02 -49.40
CA LYS D 264 5.40 -22.76 -50.01
C LYS D 264 6.77 -22.32 -49.50
N HIS D 265 7.38 -23.15 -48.65
CA HIS D 265 8.59 -22.75 -47.96
C HIS D 265 9.70 -23.81 -47.99
N SER D 266 9.51 -24.86 -48.80
CA SER D 266 10.56 -25.89 -48.96
C SER D 266 11.74 -25.35 -49.76
N ALA D 267 12.88 -26.03 -49.69
CA ALA D 267 14.07 -25.58 -50.43
C ALA D 267 13.71 -25.43 -51.91
N GLU D 268 12.95 -26.39 -52.43
CA GLU D 268 12.47 -26.36 -53.81
C GLU D 268 11.66 -25.09 -54.08
N ALA D 269 10.56 -24.94 -53.34
CA ALA D 269 9.70 -23.77 -53.43
C ALA D 269 10.52 -22.54 -53.03
ZN ZN E . 9.11 -29.24 -4.34
ZN ZN F . 6.63 -32.15 -4.69
ZN ZN G . 10.10 -32.76 -3.30
ZN ZN H . -14.91 -14.66 23.78
N SAH I . -19.60 -11.72 11.81
CA SAH I . -19.02 -11.10 10.59
CB SAH I . -17.93 -12.03 10.02
CG SAH I . -16.56 -11.83 10.71
SD SAH I . -15.77 -10.27 10.20
C SAH I . -20.10 -10.69 9.58
O SAH I . -19.81 -10.25 8.45
OXT SAH I . -21.30 -10.77 9.91
C5' SAH I . -15.36 -9.65 11.85
C4' SAH I . -16.53 -8.92 12.50
O4' SAH I . -17.45 -9.89 13.00
C3' SAH I . -16.11 -8.06 13.68
O3' SAH I . -15.95 -6.72 13.29
C2' SAH I . -17.27 -8.21 14.63
O2' SAH I . -18.29 -7.34 14.18
C1' SAH I . -17.81 -9.59 14.33
N9 SAH I . -17.20 -10.57 15.24
C8 SAH I . -16.23 -11.51 14.94
N7 SAH I . -15.95 -12.21 16.06
C5 SAH I . -16.72 -11.72 17.07
C6 SAH I . -16.83 -12.02 18.42
N6 SAH I . -16.15 -12.99 19.03
N1 SAH I . -17.73 -11.31 19.20
C2 SAH I . -18.48 -10.29 18.67
N3 SAH I . -18.37 -9.97 17.34
C4 SAH I . -17.50 -10.68 16.56
ZN ZN J . 19.19 12.02 16.31
ZN ZN K . 16.91 8.94 15.96
ZN ZN L . 20.48 8.64 17.23
ZN ZN M . -6.43 22.66 44.81
N SAH N . -11.52 25.72 32.90
CA SAH N . -10.99 26.60 31.81
CB SAH N . -9.74 25.97 31.17
CG SAH N . -8.47 26.24 31.99
SD SAH N . -7.74 27.82 31.53
C SAH N . -12.09 26.91 30.76
O SAH N . -11.81 27.54 29.73
OXT SAH N . -13.25 26.54 30.95
C5' SAH N . -7.46 28.48 33.21
C4' SAH N . -8.70 29.01 33.93
O4' SAH N . -9.51 27.91 34.31
C3' SAH N . -8.45 29.76 35.24
O3' SAH N . -8.32 31.15 35.06
C2' SAH N . -9.69 29.44 36.07
O2' SAH N . -10.76 30.26 35.65
C1' SAH N . -10.01 28.02 35.63
N9 SAH N . -9.34 27.03 36.52
C8 SAH N . -8.29 26.18 36.21
N7 SAH N . -7.97 25.43 37.30
C5 SAH N . -8.80 25.80 38.32
C6 SAH N . -8.91 25.37 39.64
N6 SAH N . -8.09 24.42 40.12
N1 SAH N . -9.87 25.94 40.46
C2 SAH N . -10.72 26.92 39.98
N3 SAH N . -10.59 27.34 38.67
C4 SAH N . -9.65 26.80 37.85
ZN ZN O . -9.76 27.14 3.00
ZN ZN P . -10.93 23.50 3.30
ZN ZN Q . -13.27 26.16 1.97
ZN ZN R . 14.42 13.80 -25.53
N SAH S . 19.71 11.22 -13.60
CA SAH S . 19.96 12.14 -12.45
CB SAH S . 18.68 12.71 -11.79
CG SAH S . 18.07 13.95 -12.49
SD SAH S . 19.11 15.43 -12.16
C SAH S . 20.89 11.47 -11.44
O SAH S . 21.22 12.11 -10.41
OXT SAH S . 21.38 10.35 -11.65
C5' SAH S . 19.35 16.01 -13.86
C4' SAH S . 20.60 15.38 -14.48
O4' SAH S . 20.25 14.10 -14.99
C3' SAH S . 21.12 16.17 -15.68
O3' SAH S . 22.19 17.00 -15.30
C2' SAH S . 21.64 15.09 -16.59
O2' SAH S . 22.85 14.61 -16.05
C1' SAH S . 20.68 13.95 -16.34
N9 SAH S . 19.49 13.95 -17.24
C8 SAH S . 18.20 14.24 -16.85
N7 SAH S . 17.39 14.11 -17.92
C5 SAH S . 18.17 13.73 -18.99
C6 SAH S . 17.90 13.47 -20.34
N6 SAH S . 16.67 13.55 -20.84
N1 SAH S . 18.94 13.09 -21.18
C2 SAH S . 20.24 13.02 -20.73
N3 SAH S . 20.53 13.29 -19.41
C4 SAH S . 19.50 13.65 -18.56
ZN ZN T . -18.99 -13.00 -17.96
ZN ZN U . -20.22 -16.62 -17.63
ZN ZN V . -22.52 -13.93 -18.97
ZN ZN W . 5.76 -26.54 -46.04
N SAH X . 10.47 -29.31 -34.14
CA SAH X . 10.77 -28.46 -32.94
CB SAH X . 9.46 -27.93 -32.33
CG SAH X . 8.92 -26.67 -33.03
SD SAH X . 9.93 -25.24 -32.59
C SAH X . 11.69 -29.18 -31.97
O SAH X . 12.03 -28.64 -30.88
OXT SAH X . 12.17 -30.29 -32.26
C5' SAH X . 10.24 -24.57 -34.25
C4' SAH X . 11.47 -25.23 -34.89
O4' SAH X . 11.07 -26.49 -35.42
C3' SAH X . 12.09 -24.46 -36.05
O3' SAH X . 13.17 -23.68 -35.61
C2' SAH X . 12.55 -25.56 -36.98
O2' SAH X . 13.79 -26.07 -36.54
C1' SAH X . 11.56 -26.69 -36.73
N9 SAH X . 10.43 -26.64 -37.65
C8 SAH X . 9.13 -26.23 -37.35
N7 SAH X . 8.37 -26.32 -38.46
C5 SAH X . 9.16 -26.78 -39.48
C6 SAH X . 8.92 -27.07 -40.83
N6 SAH X . 7.73 -26.93 -41.41
N1 SAH X . 9.96 -27.55 -41.61
C2 SAH X . 11.22 -27.73 -41.08
N3 SAH X . 11.48 -27.45 -39.76
C4 SAH X . 10.45 -26.99 -38.97
#